data_5NAE
#
_entry.id   5NAE
#
_cell.length_a   69.130
_cell.length_b   52.390
_cell.length_c   137.590
_cell.angle_alpha   90.00
_cell.angle_beta   104.74
_cell.angle_gamma   90.00
#
_symmetry.space_group_name_H-M   'P 1 21 1'
#
loop_
_entity.id
_entity.type
_entity.pdbx_description
1 polymer 'Kynurenine 3-monooxygenase'
2 non-polymer 'FLAVIN-ADENINE DINUCLEOTIDE'
3 non-polymer '3-[5-chloranyl-2-oxidanylidene-6-[(1~{R})-1-pyridin-2-ylethoxy]-1,3-benzoxazol-3-yl]propanoic acid'
4 water water
#
_entity_poly.entity_id   1
_entity_poly.type   'polypeptide(L)'
_entity_poly.pdbx_seq_one_letter_code
;MTATDNARQVTIIGAGLAGTLVARLLARNGWQVNLFERRPDPRIETGARGRSINLALAERGAHALRLAGLEREVLAEAVM
MRGRMVHVPGTPPNLQPYGRDDSEVIWSINRDRLNRILLDGAEAAGASIHFNLGLDSVDFARQRLTLSNVSGERLEKRFH
LLIGADGCNSAVRQAMASVVDLGEHLETQPHGYKELQITPEASAQFNLEPNALHIWPHGDYMCIALPNLDRSFTVTLFLH
HQSPAAQPASPSFAQLVDGHAARRFFQRQFPDLSPMLDSLEQDFEHHPTGKLATLRLTTWHVGGQAVLLGDAAHPMVPFH
GQGMNCALEDAVALAEHLQSAADNASALAAFTAQRQPDALAIQAMALENYVEMSSKVASPTYLLERELGQIMAQRQPTRF
IPRYSMVTFSRLPYAQAMARGQIQEQLLKFAVANHSDLTSINLDAVEHEVTRCLPPLSHLS
;
_entity_poly.pdbx_strand_id   A,B
#
loop_
_chem_comp.id
_chem_comp.type
_chem_comp.name
_chem_comp.formula
8R8 non-polymer '3-[5-chloranyl-2-oxidanylidene-6-[(1~{R})-1-pyridin-2-ylethoxy]-1,3-benzoxazol-3-yl]propanoic acid' 'C17 H15 Cl N2 O5'
FAD non-polymer 'FLAVIN-ADENINE DINUCLEOTIDE' 'C27 H33 N9 O15 P2'
#
# COMPACT_ATOMS: atom_id res chain seq x y z
N ALA A 7 7.68 -43.43 24.84
CA ALA A 7 7.91 -42.01 24.58
C ALA A 7 8.56 -41.78 23.24
N ARG A 8 8.16 -40.70 22.56
CA ARG A 8 8.72 -40.34 21.25
C ARG A 8 10.12 -39.77 21.44
N GLN A 9 11.01 -40.07 20.49
CA GLN A 9 12.43 -39.70 20.60
C GLN A 9 12.81 -38.62 19.63
N VAL A 10 13.72 -37.76 20.05
CA VAL A 10 14.17 -36.66 19.19
C VAL A 10 15.62 -36.34 19.50
N THR A 11 16.38 -36.06 18.46
CA THR A 11 17.76 -35.63 18.57
C THR A 11 17.80 -34.22 18.06
N ILE A 12 18.38 -33.31 18.85
CA ILE A 12 18.48 -31.91 18.44
C ILE A 12 19.95 -31.54 18.30
N ILE A 13 20.30 -30.93 17.18
CA ILE A 13 21.66 -30.49 16.96
C ILE A 13 21.69 -28.98 17.20
N GLY A 14 22.47 -28.55 18.18
CA GLY A 14 22.64 -27.15 18.50
C GLY A 14 21.91 -26.74 19.75
N ALA A 15 22.66 -26.56 20.84
CA ALA A 15 22.08 -26.08 22.10
C ALA A 15 22.20 -24.55 22.15
N GLY A 16 21.62 -23.89 21.14
CA GLY A 16 21.60 -22.44 21.03
C GLY A 16 20.30 -21.91 21.60
N LEU A 17 19.62 -20.99 20.90
CA LEU A 17 18.39 -20.42 21.43
C LEU A 17 17.17 -21.26 21.07
N ALA A 18 16.93 -21.55 19.79
CA ALA A 18 15.80 -22.37 19.35
C ALA A 18 15.94 -23.83 19.81
N GLY A 19 17.13 -24.41 19.70
CA GLY A 19 17.38 -25.80 20.09
C GLY A 19 17.09 -26.09 21.54
N THR A 20 17.59 -25.22 22.45
CA THR A 20 17.38 -25.41 23.88
CA THR A 20 17.40 -25.43 23.87
C THR A 20 15.94 -25.16 24.27
N LEU A 21 15.27 -24.17 23.62
CA LEU A 21 13.87 -23.92 23.95
C LEU A 21 13.03 -25.10 23.48
N VAL A 22 13.23 -25.58 22.24
CA VAL A 22 12.44 -26.71 21.74
C VAL A 22 12.73 -27.99 22.59
N ALA A 23 13.98 -28.16 23.11
CA ALA A 23 14.36 -29.28 23.98
C ALA A 23 13.55 -29.23 25.26
N ARG A 24 13.39 -28.04 25.86
CA ARG A 24 12.60 -27.91 27.09
C ARG A 24 11.13 -28.22 26.82
N LEU A 25 10.56 -27.62 25.75
CA LEU A 25 9.15 -27.84 25.43
C LEU A 25 8.81 -29.33 25.18
N LEU A 26 9.63 -30.02 24.40
CA LEU A 26 9.41 -31.45 24.12
C LEU A 26 9.64 -32.35 25.34
N ALA A 27 10.75 -32.14 26.07
CA ALA A 27 11.10 -32.95 27.23
C ALA A 27 10.05 -32.79 28.35
N ARG A 28 9.48 -31.59 28.54
CA ARG A 28 8.49 -31.47 29.60
C ARG A 28 7.16 -32.14 29.22
N ASN A 29 6.99 -32.43 27.91
CA ASN A 29 5.83 -33.16 27.38
C ASN A 29 6.15 -34.65 27.23
N GLY A 30 7.19 -35.11 27.93
CA GLY A 30 7.56 -36.52 27.97
C GLY A 30 8.43 -37.08 26.87
N TRP A 31 8.88 -36.26 25.88
CA TRP A 31 9.76 -36.77 24.81
C TRP A 31 11.13 -37.13 25.39
N GLN A 32 11.78 -38.15 24.80
CA GLN A 32 13.16 -38.49 25.17
C GLN A 32 13.99 -37.59 24.28
N VAL A 33 14.65 -36.58 24.90
CA VAL A 33 15.40 -35.57 24.14
C VAL A 33 16.88 -35.69 24.39
N ASN A 34 17.68 -35.76 23.30
CA ASN A 34 19.13 -35.75 23.35
C ASN A 34 19.55 -34.54 22.52
N LEU A 35 20.26 -33.59 23.15
CA LEU A 35 20.70 -32.36 22.49
C LEU A 35 22.23 -32.38 22.36
N PHE A 36 22.76 -32.22 21.13
CA PHE A 36 24.20 -32.23 20.89
C PHE A 36 24.70 -30.83 20.58
N GLU A 37 25.79 -30.39 21.23
CA GLU A 37 26.29 -29.01 21.06
C GLU A 37 27.79 -29.06 20.79
N ARG A 38 28.27 -28.32 19.76
CA ARG A 38 29.68 -28.32 19.39
C ARG A 38 30.56 -27.68 20.48
N ARG A 39 30.08 -26.59 21.05
CA ARG A 39 30.84 -25.83 22.06
C ARG A 39 30.88 -26.51 23.44
N PRO A 40 31.76 -26.05 24.38
CA PRO A 40 31.72 -26.58 25.76
C PRO A 40 30.49 -26.02 26.48
N ASP A 41 30.16 -26.61 27.64
CA ASP A 41 29.06 -26.12 28.47
C ASP A 41 29.44 -24.76 29.06
N PRO A 42 28.72 -23.65 28.72
CA PRO A 42 29.09 -22.35 29.29
C PRO A 42 28.86 -22.23 30.81
N ARG A 43 28.15 -23.19 31.41
CA ARG A 43 27.87 -23.20 32.86
C ARG A 43 29.06 -23.70 33.68
N ILE A 44 30.03 -24.35 33.03
CA ILE A 44 31.24 -24.82 33.71
C ILE A 44 32.18 -23.61 33.77
N GLU A 45 32.36 -23.00 34.97
CA GLU A 45 33.18 -21.82 35.15
C GLU A 45 34.65 -22.14 34.88
N THR A 46 35.26 -21.31 34.03
CA THR A 46 36.67 -21.42 33.65
C THR A 46 37.32 -20.08 33.95
N GLY A 47 38.63 -19.99 33.75
CA GLY A 47 39.30 -18.72 33.92
C GLY A 47 39.27 -17.90 32.66
N ALA A 48 38.57 -18.37 31.61
CA ALA A 48 38.48 -17.67 30.32
C ALA A 48 37.68 -16.38 30.41
N ARG A 49 38.03 -15.43 29.53
CA ARG A 49 37.37 -14.13 29.44
C ARG A 49 36.19 -14.25 28.50
N GLY A 50 35.02 -14.43 29.12
CA GLY A 50 33.73 -14.62 28.47
C GLY A 50 33.19 -13.46 27.65
N ARG A 51 32.50 -13.83 26.54
CA ARG A 51 31.87 -12.95 25.53
C ARG A 51 30.76 -12.04 26.07
N SER A 52 30.73 -10.79 25.61
CA SER A 52 29.72 -9.82 26.04
C SER A 52 28.71 -9.47 24.92
N ILE A 53 28.10 -10.50 24.29
CA ILE A 53 27.11 -10.28 23.21
C ILE A 53 25.73 -9.93 23.79
N ASN A 54 25.10 -8.88 23.26
CA ASN A 54 23.75 -8.49 23.69
C ASN A 54 22.76 -8.69 22.58
N LEU A 55 21.54 -9.09 22.97
CA LEU A 55 20.43 -9.30 22.07
C LEU A 55 19.23 -8.47 22.56
N ALA A 56 18.43 -8.00 21.61
CA ALA A 56 17.20 -7.28 21.91
C ALA A 56 16.05 -8.31 21.87
N LEU A 57 15.50 -8.61 23.05
CA LEU A 57 14.36 -9.51 23.23
C LEU A 57 13.08 -8.67 23.09
N ALA A 58 12.19 -9.10 22.19
CA ALA A 58 10.92 -8.40 21.96
C ALA A 58 9.74 -9.33 22.28
N GLU A 59 8.50 -8.90 22.00
CA GLU A 59 7.31 -9.71 22.37
C GLU A 59 7.33 -11.16 21.85
N ARG A 60 7.76 -11.40 20.60
CA ARG A 60 7.76 -12.78 20.07
C ARG A 60 8.66 -13.71 20.88
N GLY A 61 9.87 -13.24 21.21
CA GLY A 61 10.80 -14.04 22.02
C GLY A 61 10.33 -14.13 23.46
N ALA A 62 9.86 -13.00 24.02
CA ALA A 62 9.37 -12.96 25.41
C ALA A 62 8.18 -13.91 25.60
N HIS A 63 7.23 -13.91 24.65
CA HIS A 63 6.07 -14.81 24.73
C HIS A 63 6.52 -16.30 24.69
N ALA A 64 7.52 -16.62 23.84
CA ALA A 64 8.05 -17.99 23.76
C ALA A 64 8.64 -18.41 25.11
N LEU A 65 9.41 -17.52 25.74
CA LEU A 65 10.00 -17.81 27.05
C LEU A 65 8.89 -17.94 28.10
N ARG A 66 7.83 -17.14 27.97
CA ARG A 66 6.68 -17.13 28.87
C ARG A 66 5.97 -18.49 28.85
N LEU A 67 5.70 -19.02 27.64
CA LEU A 67 5.09 -20.35 27.50
C LEU A 67 5.97 -21.43 28.15
N ALA A 68 7.30 -21.27 28.08
CA ALA A 68 8.27 -22.21 28.67
C ALA A 68 8.49 -22.03 30.17
N GLY A 69 7.91 -20.98 30.74
CA GLY A 69 8.06 -20.65 32.16
C GLY A 69 9.39 -20.05 32.54
N LEU A 70 10.13 -19.46 31.55
CA LEU A 70 11.47 -18.92 31.78
C LEU A 70 11.54 -17.39 31.64
N GLU A 71 10.43 -16.72 31.28
CA GLU A 71 10.45 -15.28 31.04
C GLU A 71 10.85 -14.48 32.27
N ARG A 72 10.31 -14.80 33.45
CA ARG A 72 10.64 -14.05 34.67
C ARG A 72 12.12 -14.10 34.97
N GLU A 73 12.73 -15.28 34.90
CA GLU A 73 14.17 -15.47 35.13
C GLU A 73 14.99 -14.66 34.12
N VAL A 74 14.64 -14.73 32.83
CA VAL A 74 15.37 -13.98 31.76
C VAL A 74 15.24 -12.49 31.99
N LEU A 75 14.02 -11.99 32.24
CA LEU A 75 13.83 -10.55 32.43
C LEU A 75 14.50 -9.97 33.68
N ALA A 76 14.76 -10.78 34.73
CA ALA A 76 15.43 -10.32 35.95
C ALA A 76 16.83 -9.81 35.65
N GLU A 77 17.38 -10.36 34.56
CA GLU A 77 18.72 -10.14 33.99
C GLU A 77 18.67 -9.30 32.70
N ALA A 78 17.55 -8.60 32.38
CA ALA A 78 17.39 -7.79 31.13
C ALA A 78 17.25 -6.33 31.42
N VAL A 79 17.83 -5.49 30.57
CA VAL A 79 17.73 -4.05 30.74
C VAL A 79 16.64 -3.51 29.82
N MET A 80 15.73 -2.73 30.35
CA MET A 80 14.69 -2.14 29.55
C MET A 80 15.25 -1.12 28.56
N MET A 81 14.83 -1.19 27.29
CA MET A 81 15.17 -0.21 26.25
C MET A 81 13.84 0.40 25.83
N ARG A 82 13.56 1.62 26.30
CA ARG A 82 12.27 2.29 26.10
C ARG A 82 12.13 2.89 24.71
N GLY A 83 13.25 3.11 24.05
CA GLY A 83 13.26 3.77 22.76
C GLY A 83 14.63 3.87 22.14
N ARG A 84 14.67 4.46 20.94
CA ARG A 84 15.84 4.62 20.11
C ARG A 84 16.52 5.97 20.41
N MET A 85 17.73 5.96 20.97
CA MET A 85 18.45 7.21 21.24
C MET A 85 19.37 7.45 20.03
N VAL A 86 19.06 8.48 19.21
CA VAL A 86 19.84 8.82 18.02
C VAL A 86 20.87 9.92 18.32
N HIS A 87 22.15 9.63 17.98
CA HIS A 87 23.30 10.51 18.19
C HIS A 87 23.84 11.06 16.88
N VAL A 88 23.82 12.37 16.80
CA VAL A 88 24.35 13.19 15.71
C VAL A 88 25.26 14.25 16.38
N PRO A 89 26.57 14.34 15.99
CA PRO A 89 27.49 15.26 16.68
C PRO A 89 27.03 16.69 16.79
N GLY A 90 27.25 17.27 17.98
CA GLY A 90 26.94 18.66 18.27
C GLY A 90 25.58 18.90 18.90
N THR A 91 24.64 17.95 18.71
CA THR A 91 23.26 18.03 19.23
C THR A 91 23.06 17.00 20.34
N PRO A 92 22.17 17.28 21.35
CA PRO A 92 21.91 16.27 22.38
C PRO A 92 21.17 15.08 21.79
N PRO A 93 21.33 13.88 22.38
CA PRO A 93 20.64 12.70 21.82
C PRO A 93 19.12 12.85 21.80
N ASN A 94 18.50 12.39 20.68
CA ASN A 94 17.04 12.41 20.43
C ASN A 94 16.50 11.00 20.78
N LEU A 95 15.69 10.92 21.90
CA LEU A 95 15.24 9.65 22.51
C LEU A 95 14.30 8.75 21.66
N GLN A 96 13.23 9.26 21.07
CA GLN A 96 12.29 8.49 20.24
C GLN A 96 11.72 7.22 20.91
N PRO A 97 10.66 7.34 21.75
CA PRO A 97 10.08 6.14 22.38
C PRO A 97 9.60 5.11 21.37
N TYR A 98 9.79 3.83 21.71
CA TYR A 98 9.42 2.70 20.83
C TYR A 98 7.94 2.44 20.84
N GLY A 99 7.34 2.61 22.01
CA GLY A 99 5.93 2.32 22.20
C GLY A 99 5.23 3.41 22.96
N ARG A 100 3.99 3.12 23.37
CA ARG A 100 3.11 4.07 24.07
C ARG A 100 3.45 4.19 25.56
N ASP A 101 3.74 3.05 26.22
CA ASP A 101 4.09 2.97 27.64
C ASP A 101 5.18 1.93 27.88
N ASP A 102 5.55 1.69 29.17
CA ASP A 102 6.58 0.73 29.58
C ASP A 102 6.21 -0.72 29.32
N SER A 103 5.01 -0.98 28.77
CA SER A 103 4.60 -2.33 28.37
C SER A 103 5.12 -2.56 26.93
N GLU A 104 5.40 -1.45 26.20
CA GLU A 104 5.91 -1.47 24.83
C GLU A 104 7.40 -1.06 24.81
N VAL A 105 8.23 -2.03 25.22
CA VAL A 105 9.68 -1.89 25.35
C VAL A 105 10.37 -3.12 24.81
N ILE A 106 11.67 -2.98 24.57
CA ILE A 106 12.52 -4.11 24.20
C ILE A 106 13.51 -4.30 25.33
N TRP A 107 13.99 -5.51 25.48
CA TRP A 107 14.89 -5.86 26.56
C TRP A 107 16.25 -6.24 26.06
N SER A 108 17.28 -5.70 26.67
CA SER A 108 18.64 -6.09 26.32
C SER A 108 19.09 -7.20 27.26
N ILE A 109 19.43 -8.37 26.71
CA ILE A 109 19.87 -9.55 27.46
C ILE A 109 21.24 -10.02 26.98
N ASN A 110 22.13 -10.38 27.93
CA ASN A 110 23.42 -10.96 27.61
C ASN A 110 23.15 -12.39 27.07
N ARG A 111 23.68 -12.69 25.88
CA ARG A 111 23.51 -13.99 25.23
C ARG A 111 23.89 -15.16 26.15
N ASP A 112 25.04 -15.05 26.83
CA ASP A 112 25.52 -16.15 27.68
C ASP A 112 24.66 -16.35 28.91
N ARG A 113 24.07 -15.26 29.47
CA ARG A 113 23.15 -15.35 30.61
C ARG A 113 21.88 -16.10 30.16
N LEU A 114 21.35 -15.74 28.95
CA LEU A 114 20.15 -16.37 28.36
C LEU A 114 20.42 -17.86 28.07
N ASN A 115 21.56 -18.19 27.46
CA ASN A 115 21.85 -19.58 27.14
C ASN A 115 21.91 -20.47 28.38
N ARG A 116 22.53 -19.97 29.48
CA ARG A 116 22.62 -20.72 30.75
C ARG A 116 21.24 -21.00 31.32
N ILE A 117 20.34 -19.99 31.25
CA ILE A 117 18.95 -20.13 31.71
C ILE A 117 18.24 -21.21 30.87
N LEU A 118 18.38 -21.14 29.52
CA LEU A 118 17.78 -22.12 28.61
C LEU A 118 18.33 -23.53 28.85
N LEU A 119 19.66 -23.67 29.03
CA LEU A 119 20.30 -24.97 29.32
C LEU A 119 19.76 -25.56 30.61
N ASP A 120 19.72 -24.76 31.68
CA ASP A 120 19.15 -25.23 32.96
C ASP A 120 17.69 -25.65 32.78
N GLY A 121 16.92 -24.86 32.01
CA GLY A 121 15.51 -25.15 31.73
C GLY A 121 15.31 -26.46 30.98
N ALA A 122 16.14 -26.73 29.95
CA ALA A 122 16.05 -27.97 29.18
C ALA A 122 16.37 -29.20 30.04
N GLU A 123 17.43 -29.10 30.84
CA GLU A 123 17.80 -30.19 31.78
C GLU A 123 16.76 -30.39 32.88
N ALA A 124 16.17 -29.28 33.40
CA ALA A 124 15.13 -29.39 34.44
C ALA A 124 13.93 -30.17 33.89
N ALA A 125 13.63 -30.01 32.59
CA ALA A 125 12.52 -30.69 31.91
C ALA A 125 12.82 -32.15 31.56
N GLY A 126 14.09 -32.56 31.65
CA GLY A 126 14.48 -33.95 31.40
C GLY A 126 15.37 -34.18 30.19
N ALA A 127 15.70 -33.12 29.41
CA ALA A 127 16.58 -33.26 28.24
C ALA A 127 18.00 -33.64 28.67
N SER A 128 18.71 -34.45 27.87
CA SER A 128 20.12 -34.78 28.10
C SER A 128 20.92 -33.94 27.11
N ILE A 129 21.89 -33.18 27.61
CA ILE A 129 22.70 -32.32 26.76
C ILE A 129 24.14 -32.84 26.71
N HIS A 130 24.67 -33.02 25.50
CA HIS A 130 26.01 -33.54 25.22
C HIS A 130 26.84 -32.46 24.53
N PHE A 131 27.81 -31.88 25.26
CA PHE A 131 28.62 -30.78 24.71
C PHE A 131 29.89 -31.31 24.07
N ASN A 132 30.66 -30.41 23.42
CA ASN A 132 31.93 -30.77 22.78
C ASN A 132 31.76 -31.82 21.69
N LEU A 133 30.58 -31.84 21.03
CA LEU A 133 30.28 -32.77 19.95
C LEU A 133 29.64 -32.03 18.79
N GLY A 134 30.37 -31.90 17.70
CA GLY A 134 29.89 -31.21 16.51
C GLY A 134 29.42 -32.20 15.45
N LEU A 135 28.23 -31.96 14.88
CA LEU A 135 27.70 -32.82 13.82
C LEU A 135 28.53 -32.63 12.56
N ASP A 136 29.01 -33.75 11.98
CA ASP A 136 29.80 -33.76 10.76
C ASP A 136 29.02 -34.20 9.53
N SER A 137 28.22 -35.27 9.67
CA SER A 137 27.46 -35.86 8.57
C SER A 137 26.28 -36.68 9.07
N VAL A 138 25.32 -36.93 8.17
CA VAL A 138 24.11 -37.68 8.47
C VAL A 138 23.94 -38.75 7.39
N ASP A 139 23.64 -40.00 7.80
CA ASP A 139 23.32 -41.05 6.85
C ASP A 139 21.81 -41.22 7.00
N PHE A 140 21.03 -40.60 6.11
CA PHE A 140 19.55 -40.63 6.20
C PHE A 140 18.95 -42.05 6.01
N ALA A 141 19.57 -42.88 5.16
CA ALA A 141 19.10 -44.24 4.88
C ALA A 141 19.20 -45.13 6.14
N ARG A 142 20.34 -45.08 6.85
CA ARG A 142 20.57 -45.91 8.06
C ARG A 142 20.15 -45.19 9.34
N GLN A 143 19.66 -43.93 9.25
CA GLN A 143 19.22 -43.13 10.42
C GLN A 143 20.35 -43.05 11.47
N ARG A 144 21.55 -42.72 10.99
CA ARG A 144 22.72 -42.59 11.84
C ARG A 144 23.40 -41.26 11.56
N LEU A 145 24.04 -40.67 12.57
CA LEU A 145 24.77 -39.42 12.41
C LEU A 145 26.19 -39.56 12.95
N THR A 146 27.10 -38.73 12.46
CA THR A 146 28.51 -38.77 12.88
C THR A 146 28.83 -37.44 13.50
N LEU A 147 29.35 -37.48 14.72
CA LEU A 147 29.77 -36.28 15.46
C LEU A 147 31.25 -36.39 15.77
N SER A 148 31.89 -35.27 16.10
CA SER A 148 33.30 -35.29 16.49
C SER A 148 33.62 -34.16 17.46
N ASN A 149 34.75 -34.25 18.20
CA ASN A 149 35.15 -33.15 19.09
C ASN A 149 36.09 -32.22 18.28
N VAL A 150 36.67 -31.17 18.90
CA VAL A 150 37.58 -30.25 18.18
C VAL A 150 38.83 -31.00 17.66
N SER A 151 39.33 -31.98 18.43
CA SER A 151 40.50 -32.82 18.12
C SER A 151 40.25 -33.87 17.01
N GLY A 152 39.03 -33.90 16.45
CA GLY A 152 38.66 -34.79 15.35
C GLY A 152 38.27 -36.23 15.66
N GLU A 153 38.19 -36.61 16.95
CA GLU A 153 37.78 -37.97 17.33
C GLU A 153 36.28 -38.17 16.99
N ARG A 154 35.95 -39.14 16.12
CA ARG A 154 34.58 -39.39 15.65
C ARG A 154 33.74 -40.35 16.49
N LEU A 155 32.42 -40.10 16.54
CA LEU A 155 31.42 -40.86 17.29
C LEU A 155 30.12 -40.96 16.45
N GLU A 156 29.52 -42.15 16.34
CA GLU A 156 28.27 -42.36 15.60
C GLU A 156 27.10 -42.54 16.55
N LYS A 157 25.94 -41.94 16.22
CA LYS A 157 24.72 -42.07 17.02
C LYS A 157 23.52 -42.35 16.13
N ARG A 158 22.62 -43.21 16.58
CA ARG A 158 21.35 -43.49 15.90
C ARG A 158 20.36 -42.35 16.22
N PHE A 159 19.45 -42.02 15.27
CA PHE A 159 18.39 -41.03 15.52
C PHE A 159 17.06 -41.48 14.91
N HIS A 160 15.94 -40.97 15.42
CA HIS A 160 14.59 -41.27 14.94
C HIS A 160 14.02 -40.01 14.29
N LEU A 161 14.22 -38.85 14.94
CA LEU A 161 13.82 -37.53 14.41
C LEU A 161 14.98 -36.58 14.67
N LEU A 162 15.37 -35.84 13.64
CA LEU A 162 16.48 -34.93 13.74
C LEU A 162 16.03 -33.49 13.61
N ILE A 163 16.38 -32.65 14.60
CA ILE A 163 16.06 -31.22 14.52
C ILE A 163 17.35 -30.46 14.36
N GLY A 164 17.45 -29.74 13.25
CA GLY A 164 18.58 -28.89 12.96
C GLY A 164 18.34 -27.51 13.52
N ALA A 165 18.84 -27.27 14.73
CA ALA A 165 18.77 -25.97 15.43
C ALA A 165 20.24 -25.49 15.55
N ASP A 166 21.03 -25.79 14.52
CA ASP A 166 22.47 -25.59 14.57
C ASP A 166 23.00 -24.32 13.86
N GLY A 167 22.17 -23.27 13.82
CA GLY A 167 22.64 -21.97 13.38
C GLY A 167 22.79 -21.68 11.91
N CYS A 168 23.28 -20.50 11.59
CA CYS A 168 23.35 -20.02 10.21
C CYS A 168 24.24 -20.87 9.30
N ASN A 169 25.24 -21.58 9.86
CA ASN A 169 26.09 -22.48 9.08
C ASN A 169 25.79 -23.94 9.40
N SER A 170 24.50 -24.24 9.59
CA SER A 170 23.92 -25.55 9.91
C SER A 170 24.53 -26.73 9.18
N ALA A 171 25.04 -27.71 9.93
CA ALA A 171 25.55 -28.97 9.41
C ALA A 171 24.38 -29.88 9.02
N VAL A 172 23.23 -29.78 9.71
CA VAL A 172 22.03 -30.56 9.34
C VAL A 172 21.54 -30.08 7.95
N ARG A 173 21.52 -28.76 7.71
CA ARG A 173 21.10 -28.23 6.40
C ARG A 173 22.01 -28.78 5.28
N GLN A 174 23.34 -28.74 5.50
CA GLN A 174 24.32 -29.27 4.54
C GLN A 174 24.07 -30.77 4.28
N ALA A 175 23.81 -31.54 5.35
CA ALA A 175 23.52 -32.98 5.22
C ALA A 175 22.23 -33.23 4.40
N MET A 176 21.19 -32.41 4.63
CA MET A 176 19.93 -32.55 3.92
C MET A 176 20.08 -32.36 2.39
N ALA A 177 20.97 -31.47 2.01
CA ALA A 177 21.29 -31.16 0.60
C ALA A 177 21.82 -32.38 -0.22
N SER A 178 22.22 -33.50 0.46
CA SER A 178 22.66 -34.74 -0.21
C SER A 178 21.47 -35.65 -0.55
N VAL A 179 20.30 -35.44 0.10
CA VAL A 179 19.11 -36.28 -0.11
C VAL A 179 17.94 -35.52 -0.78
N VAL A 180 17.91 -34.19 -0.65
CA VAL A 180 16.83 -33.39 -1.21
C VAL A 180 17.41 -32.13 -1.86
N ASP A 181 16.66 -31.51 -2.79
CA ASP A 181 17.07 -30.23 -3.36
C ASP A 181 16.43 -29.21 -2.42
N LEU A 182 17.28 -28.48 -1.69
CA LEU A 182 16.79 -27.50 -0.72
C LEU A 182 16.28 -26.23 -1.39
N GLY A 183 16.68 -26.00 -2.64
CA GLY A 183 16.31 -24.80 -3.38
C GLY A 183 16.83 -23.56 -2.66
N GLU A 184 18.10 -23.64 -2.26
CA GLU A 184 18.85 -22.67 -1.46
C GLU A 184 19.29 -21.45 -2.28
N HIS A 185 19.01 -20.23 -1.78
CA HIS A 185 19.41 -18.99 -2.45
C HIS A 185 20.07 -18.10 -1.41
N LEU A 186 21.38 -17.94 -1.52
CA LEU A 186 22.14 -17.08 -0.61
C LEU A 186 22.26 -15.68 -1.19
N GLU A 187 21.90 -14.68 -0.39
CA GLU A 187 22.03 -13.29 -0.81
C GLU A 187 22.97 -12.61 0.18
N THR A 188 24.21 -12.34 -0.26
CA THR A 188 25.22 -11.70 0.59
C THR A 188 24.83 -10.28 0.90
N GLN A 189 25.35 -9.75 2.01
CA GLN A 189 25.09 -8.38 2.44
C GLN A 189 26.43 -7.67 2.50
N PRO A 190 26.56 -6.44 1.96
CA PRO A 190 27.89 -5.81 1.89
C PRO A 190 28.50 -5.39 3.23
N HIS A 191 27.71 -5.27 4.31
CA HIS A 191 28.23 -4.86 5.61
C HIS A 191 28.83 -5.98 6.42
N GLY A 192 30.00 -5.72 6.97
CA GLY A 192 30.61 -6.55 7.98
C GLY A 192 30.30 -5.91 9.33
N TYR A 193 30.64 -6.59 10.42
CA TYR A 193 30.39 -5.96 11.71
C TYR A 193 31.54 -6.23 12.66
N LYS A 194 31.77 -5.29 13.58
CA LYS A 194 32.81 -5.42 14.60
C LYS A 194 32.21 -4.98 15.94
N GLU A 195 32.44 -5.77 16.98
CA GLU A 195 31.98 -5.48 18.36
C GLU A 195 33.06 -4.73 19.13
N LEU A 196 32.68 -3.65 19.79
CA LEU A 196 33.56 -2.77 20.57
C LEU A 196 32.91 -2.55 21.95
N GLN A 197 33.68 -2.19 22.97
CA GLN A 197 33.13 -2.01 24.32
C GLN A 197 33.12 -0.60 24.85
N ILE A 198 32.09 -0.28 25.65
CA ILE A 198 32.02 0.94 26.46
C ILE A 198 31.99 0.43 27.90
N THR A 199 32.94 0.86 28.75
CA THR A 199 32.97 0.44 30.15
C THR A 199 31.85 1.12 30.96
N PRO A 200 31.47 0.59 32.16
CA PRO A 200 30.49 1.30 33.01
C PRO A 200 30.96 2.71 33.40
N GLU A 201 32.27 2.89 33.62
CA GLU A 201 32.85 4.17 34.01
C GLU A 201 32.66 5.18 32.87
N ALA A 202 33.03 4.78 31.62
CA ALA A 202 32.89 5.66 30.46
C ALA A 202 31.43 5.99 30.16
N SER A 203 30.52 4.99 30.18
CA SER A 203 29.12 5.29 29.90
C SER A 203 28.54 6.29 30.93
N ALA A 204 28.92 6.18 32.22
CA ALA A 204 28.45 7.12 33.24
C ALA A 204 29.06 8.51 33.05
N GLN A 205 30.38 8.57 32.75
CA GLN A 205 31.08 9.83 32.54
C GLN A 205 30.45 10.63 31.39
N PHE A 206 30.03 9.95 30.32
CA PHE A 206 29.44 10.63 29.16
C PHE A 206 27.90 10.65 29.19
N ASN A 207 27.28 10.21 30.31
CA ASN A 207 25.83 10.25 30.51
C ASN A 207 25.05 9.48 29.46
N LEU A 208 25.58 8.33 29.04
CA LEU A 208 24.90 7.53 28.03
C LEU A 208 23.72 6.83 28.72
N GLU A 209 22.49 7.08 28.23
CA GLU A 209 21.26 6.56 28.83
C GLU A 209 21.21 5.01 28.85
N PRO A 210 21.15 4.36 30.05
CA PRO A 210 21.12 2.88 30.05
C PRO A 210 19.82 2.27 29.51
N ASN A 211 18.68 2.96 29.65
CA ASN A 211 17.39 2.38 29.25
C ASN A 211 16.93 2.75 27.82
N ALA A 212 17.84 2.54 26.84
CA ALA A 212 17.57 2.82 25.44
C ALA A 212 18.56 2.05 24.56
N LEU A 213 18.19 1.89 23.28
CA LEU A 213 19.03 1.33 22.23
C LEU A 213 19.62 2.56 21.54
N HIS A 214 20.94 2.62 21.47
CA HIS A 214 21.61 3.78 20.90
C HIS A 214 22.03 3.58 19.47
N ILE A 215 21.85 4.63 18.63
CA ILE A 215 22.25 4.59 17.23
C ILE A 215 23.09 5.83 16.88
N TRP A 216 24.18 5.60 16.15
CA TRP A 216 25.04 6.65 15.57
C TRP A 216 24.90 6.47 14.06
N PRO A 217 23.88 7.08 13.42
CA PRO A 217 23.72 6.89 11.97
C PRO A 217 24.83 7.57 11.18
N HIS A 218 25.24 6.98 10.05
CA HIS A 218 26.22 7.63 9.16
C HIS A 218 26.02 7.18 7.69
N GLY A 219 24.75 6.98 7.31
CA GLY A 219 24.37 6.61 5.94
C GLY A 219 24.76 5.20 5.57
N ASP A 220 25.88 5.05 4.83
CA ASP A 220 26.38 3.75 4.39
C ASP A 220 27.01 2.94 5.51
N TYR A 221 27.20 3.55 6.68
CA TYR A 221 27.70 2.84 7.85
C TYR A 221 27.08 3.43 9.10
N MET A 222 27.14 2.70 10.20
CA MET A 222 26.56 3.16 11.46
C MET A 222 27.09 2.33 12.63
N CYS A 223 26.88 2.83 13.85
CA CYS A 223 27.16 2.10 15.08
C CYS A 223 25.85 2.01 15.85
N ILE A 224 25.70 0.96 16.63
CA ILE A 224 24.57 0.79 17.57
C ILE A 224 25.17 0.37 18.90
N ALA A 225 24.47 0.60 20.00
CA ALA A 225 24.94 0.11 21.30
C ALA A 225 23.77 -0.34 22.13
N LEU A 226 23.94 -1.51 22.77
CA LEU A 226 22.95 -2.12 23.66
C LEU A 226 23.55 -2.17 25.08
N PRO A 227 22.75 -1.81 26.08
CA PRO A 227 23.25 -1.75 27.47
C PRO A 227 23.29 -3.10 28.17
N ASN A 228 24.11 -3.19 29.20
CA ASN A 228 24.21 -4.36 30.09
C ASN A 228 23.76 -3.93 31.49
N LEU A 229 23.47 -4.91 32.38
CA LEU A 229 23.04 -4.69 33.77
C LEU A 229 23.99 -3.82 34.55
N ASP A 230 25.28 -3.94 34.27
CA ASP A 230 26.35 -3.23 34.96
C ASP A 230 26.72 -1.87 34.29
N ARG A 231 25.89 -1.36 33.39
CA ARG A 231 26.11 -0.08 32.71
C ARG A 231 27.18 -0.12 31.62
N SER A 232 27.80 -1.27 31.35
CA SER A 232 28.70 -1.36 30.19
C SER A 232 27.78 -1.44 28.96
N PHE A 233 28.32 -1.18 27.75
CA PHE A 233 27.53 -1.29 26.53
C PHE A 233 28.34 -2.07 25.52
N THR A 234 27.68 -2.88 24.71
CA THR A 234 28.37 -3.52 23.59
C THR A 234 27.98 -2.70 22.37
N VAL A 235 29.00 -2.19 21.71
CA VAL A 235 28.83 -1.38 20.50
C VAL A 235 29.06 -2.27 19.30
N THR A 236 28.22 -2.11 18.25
CA THR A 236 28.44 -2.83 17.01
C THR A 236 28.60 -1.81 15.88
N LEU A 237 29.73 -1.87 15.17
CA LEU A 237 30.01 -1.04 14.00
C LEU A 237 29.58 -1.87 12.79
N PHE A 238 28.72 -1.31 11.92
CA PHE A 238 28.30 -1.90 10.64
C PHE A 238 28.97 -1.08 9.54
N LEU A 239 29.82 -1.71 8.74
CA LEU A 239 30.64 -1.02 7.73
C LEU A 239 30.92 -1.97 6.56
N HIS A 240 30.91 -1.48 5.32
CA HIS A 240 31.19 -2.32 4.16
C HIS A 240 32.54 -3.05 4.32
N HIS A 241 32.58 -4.35 3.93
CA HIS A 241 33.82 -5.10 3.94
C HIS A 241 34.80 -4.41 2.97
N GLN A 242 34.27 -4.03 1.80
CA GLN A 242 35.05 -3.41 0.72
C GLN A 242 34.38 -2.18 0.17
N SER A 243 35.20 -1.26 -0.36
CA SER A 243 34.73 -0.02 -0.98
C SER A 243 34.28 -0.39 -2.39
N PRO A 244 33.05 0.01 -2.82
CA PRO A 244 32.60 -0.32 -4.19
C PRO A 244 33.49 0.29 -5.29
N ALA A 245 33.41 -0.26 -6.50
CA ALA A 245 34.18 0.21 -7.67
C ALA A 245 33.90 1.68 -8.02
N ALA A 246 32.63 2.09 -7.92
CA ALA A 246 32.16 3.46 -8.20
C ALA A 246 32.67 4.47 -7.16
N GLN A 247 32.72 4.04 -5.87
CA GLN A 247 33.19 4.87 -4.75
C GLN A 247 34.44 4.22 -4.09
N PRO A 248 35.65 4.32 -4.72
CA PRO A 248 36.84 3.68 -4.11
C PRO A 248 37.32 4.34 -2.82
N ALA A 249 37.01 5.64 -2.61
CA ALA A 249 37.41 6.40 -1.43
C ALA A 249 36.53 6.12 -0.21
N SER A 250 35.27 5.66 -0.44
CA SER A 250 34.28 5.38 0.61
C SER A 250 34.80 4.44 1.71
N PRO A 251 34.54 4.76 3.00
CA PRO A 251 35.05 3.91 4.09
C PRO A 251 34.67 2.45 3.99
N SER A 252 35.60 1.57 4.38
CA SER A 252 35.37 0.12 4.40
C SER A 252 36.34 -0.55 5.38
N PHE A 253 36.09 -1.81 5.79
CA PHE A 253 37.02 -2.56 6.63
C PHE A 253 38.38 -2.75 5.96
N ALA A 254 38.40 -2.85 4.62
CA ALA A 254 39.65 -3.05 3.85
C ALA A 254 40.63 -1.87 4.04
N GLN A 255 40.10 -0.67 4.27
CA GLN A 255 40.94 0.53 4.49
C GLN A 255 41.45 0.59 5.93
N LEU A 256 40.79 -0.10 6.86
CA LEU A 256 41.14 -0.06 8.28
C LEU A 256 42.14 -1.18 8.59
N VAL A 257 43.40 -0.93 8.21
CA VAL A 257 44.51 -1.87 8.24
C VAL A 257 44.85 -2.37 9.65
N ASP A 258 44.64 -1.53 10.71
CA ASP A 258 44.91 -1.88 12.11
C ASP A 258 44.06 -1.01 13.06
N GLY A 259 44.22 -1.24 14.37
CA GLY A 259 43.50 -0.51 15.41
C GLY A 259 43.67 1.01 15.36
N HIS A 260 44.91 1.46 15.04
CA HIS A 260 45.23 2.89 14.91
C HIS A 260 44.42 3.56 13.80
N ALA A 261 44.26 2.86 12.66
CA ALA A 261 43.47 3.37 11.53
C ALA A 261 42.00 3.44 11.98
N ALA A 262 41.51 2.42 12.71
CA ALA A 262 40.14 2.40 13.27
C ALA A 262 39.91 3.56 14.20
N ARG A 263 40.89 3.89 15.07
CA ARG A 263 40.80 5.05 15.97
C ARG A 263 40.64 6.35 15.18
N ARG A 264 41.51 6.60 14.19
CA ARG A 264 41.48 7.77 13.29
C ARG A 264 40.09 7.90 12.61
N PHE A 265 39.54 6.76 12.15
CA PHE A 265 38.23 6.68 11.51
C PHE A 265 37.13 7.10 12.48
N PHE A 266 37.15 6.57 13.72
CA PHE A 266 36.15 6.94 14.73
C PHE A 266 36.29 8.40 15.17
N GLN A 267 37.53 8.90 15.28
CA GLN A 267 37.73 10.31 15.64
C GLN A 267 37.16 11.27 14.60
N ARG A 268 37.21 10.87 13.33
CA ARG A 268 36.67 11.68 12.25
C ARG A 268 35.15 11.51 12.07
N GLN A 269 34.68 10.25 11.97
CA GLN A 269 33.30 9.91 11.62
C GLN A 269 32.36 9.77 12.80
N PHE A 270 32.87 9.39 13.98
CA PHE A 270 32.05 9.20 15.17
C PHE A 270 32.68 9.98 16.33
N PRO A 271 32.83 11.34 16.21
CA PRO A 271 33.56 12.09 17.24
C PRO A 271 32.96 12.05 18.64
N ASP A 272 31.63 11.87 18.80
CA ASP A 272 31.02 11.81 20.12
C ASP A 272 31.09 10.41 20.72
N LEU A 273 31.42 9.42 19.89
CA LEU A 273 31.49 8.02 20.29
C LEU A 273 32.92 7.57 20.65
N SER A 274 33.93 7.99 19.83
CA SER A 274 35.36 7.66 20.02
C SER A 274 35.87 7.84 21.48
N PRO A 275 35.55 8.93 22.23
CA PRO A 275 36.07 9.04 23.62
C PRO A 275 35.48 8.04 24.60
N MET A 276 34.34 7.43 24.27
CA MET A 276 33.73 6.41 25.13
C MET A 276 34.33 4.99 24.86
N LEU A 277 35.06 4.82 23.75
CA LEU A 277 35.64 3.52 23.35
C LEU A 277 37.11 3.44 23.78
N ASP A 278 37.35 3.16 25.07
CA ASP A 278 38.69 3.10 25.63
C ASP A 278 39.59 2.00 25.03
N SER A 279 39.00 0.85 24.67
CA SER A 279 39.76 -0.30 24.13
C SER A 279 39.53 -0.50 22.62
N LEU A 280 39.21 0.59 21.91
CA LEU A 280 38.91 0.54 20.48
C LEU A 280 40.00 -0.21 19.68
N GLU A 281 41.27 0.17 19.86
CA GLU A 281 42.39 -0.41 19.08
C GLU A 281 42.50 -1.92 19.27
N GLN A 282 42.47 -2.39 20.53
CA GLN A 282 42.56 -3.80 20.90
C GLN A 282 41.32 -4.57 20.44
N ASP A 283 40.11 -4.01 20.70
CA ASP A 283 38.86 -4.65 20.28
C ASP A 283 38.85 -4.83 18.77
N PHE A 284 39.25 -3.78 18.03
CA PHE A 284 39.28 -3.82 16.57
C PHE A 284 40.19 -4.94 16.05
N GLU A 285 41.37 -5.07 16.64
CA GLU A 285 42.35 -6.07 16.21
C GLU A 285 42.09 -7.48 16.68
N HIS A 286 41.47 -7.64 17.86
CA HIS A 286 41.26 -8.97 18.42
C HIS A 286 39.87 -9.54 18.20
N HIS A 287 38.86 -8.68 17.92
CA HIS A 287 37.52 -9.18 17.65
C HIS A 287 37.40 -9.41 16.14
N PRO A 288 36.97 -10.59 15.67
CA PRO A 288 36.91 -10.78 14.21
C PRO A 288 35.74 -10.04 13.57
N THR A 289 35.88 -9.71 12.26
CA THR A 289 34.82 -9.04 11.51
C THR A 289 33.77 -10.09 11.12
N GLY A 290 32.54 -9.86 11.57
CA GLY A 290 31.44 -10.77 11.26
C GLY A 290 30.84 -10.52 9.89
N LYS A 291 30.15 -11.52 9.35
CA LYS A 291 29.51 -11.47 8.04
C LYS A 291 28.00 -11.53 8.23
N LEU A 292 27.26 -10.91 7.30
CA LEU A 292 25.81 -10.82 7.33
C LEU A 292 25.27 -11.34 6.00
N ALA A 293 24.14 -12.04 6.07
CA ALA A 293 23.54 -12.61 4.87
C ALA A 293 22.08 -12.96 5.08
N THR A 294 21.36 -13.16 3.97
CA THR A 294 20.01 -13.67 3.98
C THR A 294 20.07 -14.99 3.19
N LEU A 295 19.50 -16.05 3.76
CA LEU A 295 19.50 -17.33 3.04
C LEU A 295 18.08 -17.83 3.06
N ARG A 296 17.54 -18.14 1.89
CA ARG A 296 16.15 -18.57 1.74
C ARG A 296 16.16 -19.99 1.15
N LEU A 297 15.39 -20.92 1.74
CA LEU A 297 15.31 -22.31 1.28
C LEU A 297 13.88 -22.67 0.88
N THR A 298 13.70 -23.42 -0.22
CA THR A 298 12.36 -23.84 -0.62
C THR A 298 11.85 -24.98 0.27
N THR A 299 12.79 -25.83 0.71
CA THR A 299 12.56 -27.02 1.52
C THR A 299 13.20 -26.85 2.92
N TRP A 300 12.47 -27.12 4.01
CA TRP A 300 13.01 -27.06 5.37
C TRP A 300 13.05 -28.45 6.04
N HIS A 301 12.55 -29.47 5.37
CA HIS A 301 12.47 -30.80 5.96
C HIS A 301 12.70 -31.94 4.95
N VAL A 302 13.02 -33.13 5.48
CA VAL A 302 13.21 -34.34 4.67
C VAL A 302 12.21 -35.31 5.27
N GLY A 303 11.08 -35.50 4.57
CA GLY A 303 9.98 -36.35 5.05
C GLY A 303 9.66 -36.11 6.51
N GLY A 304 9.65 -37.19 7.29
CA GLY A 304 9.46 -37.10 8.74
C GLY A 304 10.76 -37.30 9.50
N GLN A 305 11.90 -37.28 8.80
CA GLN A 305 13.22 -37.56 9.38
C GLN A 305 13.95 -36.39 9.98
N ALA A 306 13.91 -35.24 9.33
CA ALA A 306 14.68 -34.07 9.77
C ALA A 306 14.01 -32.76 9.41
N VAL A 307 14.23 -31.74 10.24
CA VAL A 307 13.67 -30.40 10.00
C VAL A 307 14.66 -29.36 10.48
N LEU A 308 14.64 -28.18 9.86
CA LEU A 308 15.45 -27.06 10.24
C LEU A 308 14.55 -26.00 10.91
N LEU A 309 15.12 -25.22 11.81
CA LEU A 309 14.42 -24.06 12.39
C LEU A 309 15.43 -23.01 12.81
N GLY A 310 14.95 -21.80 13.10
CA GLY A 310 15.82 -20.71 13.48
C GLY A 310 16.77 -20.36 12.35
N ASP A 311 17.99 -19.96 12.72
CA ASP A 311 19.02 -19.55 11.78
C ASP A 311 19.38 -20.69 10.82
N ALA A 312 19.21 -21.97 11.21
CA ALA A 312 19.50 -23.07 10.28
C ALA A 312 18.57 -23.03 9.05
N ALA A 313 17.30 -22.59 9.26
CA ALA A 313 16.28 -22.49 8.22
C ALA A 313 16.28 -21.17 7.45
N HIS A 314 16.49 -20.08 8.15
CA HIS A 314 16.30 -18.75 7.54
C HIS A 314 17.25 -17.65 8.06
N PRO A 315 18.56 -17.76 7.78
CA PRO A 315 19.46 -16.67 8.18
C PRO A 315 18.92 -15.34 7.65
N MET A 316 18.92 -14.32 8.50
CA MET A 316 18.43 -13.01 8.08
C MET A 316 19.40 -11.91 8.49
N VAL A 317 19.31 -10.73 7.86
CA VAL A 317 20.15 -9.60 8.22
C VAL A 317 19.71 -9.07 9.61
N PRO A 318 20.61 -8.45 10.39
CA PRO A 318 20.29 -8.17 11.79
C PRO A 318 19.51 -6.90 12.10
N PHE A 319 19.20 -6.10 11.09
CA PHE A 319 18.71 -4.73 11.28
C PHE A 319 17.32 -4.56 11.91
N HIS A 320 16.56 -5.64 12.15
CA HIS A 320 15.30 -5.51 12.87
C HIS A 320 15.38 -6.12 14.27
N GLY A 321 16.51 -6.73 14.63
CA GLY A 321 16.64 -7.42 15.93
C GLY A 321 15.59 -8.50 16.07
N GLN A 322 15.39 -9.28 14.99
CA GLN A 322 14.35 -10.30 15.07
C GLN A 322 14.84 -11.74 14.86
N GLY A 323 16.14 -11.95 14.63
CA GLY A 323 16.70 -13.29 14.44
C GLY A 323 16.34 -14.22 15.61
N MET A 324 16.70 -13.82 16.84
CA MET A 324 16.38 -14.61 18.05
C MET A 324 14.86 -14.66 18.28
N ASN A 325 14.18 -13.51 18.13
CA ASN A 325 12.74 -13.46 18.35
C ASN A 325 12.00 -14.43 17.41
N CYS A 326 12.39 -14.46 16.12
CA CYS A 326 11.83 -15.38 15.12
C CYS A 326 12.22 -16.83 15.46
N ALA A 327 13.47 -17.08 15.87
CA ALA A 327 13.94 -18.45 16.21
C ALA A 327 13.18 -19.02 17.42
N LEU A 328 12.89 -18.18 18.43
CA LEU A 328 12.15 -18.60 19.62
C LEU A 328 10.67 -18.88 19.24
N GLU A 329 10.10 -18.03 18.36
CA GLU A 329 8.73 -18.17 17.85
C GLU A 329 8.67 -19.50 17.03
N ASP A 330 9.71 -19.79 16.20
CA ASP A 330 9.75 -21.07 15.47
C ASP A 330 9.73 -22.24 16.45
N ALA A 331 10.52 -22.15 17.55
CA ALA A 331 10.63 -23.28 18.51
C ALA A 331 9.28 -23.63 19.12
N VAL A 332 8.47 -22.62 19.43
CA VAL A 332 7.12 -22.86 19.99
C VAL A 332 6.26 -23.57 18.94
N ALA A 333 6.24 -23.04 17.70
CA ALA A 333 5.45 -23.60 16.61
C ALA A 333 5.89 -25.03 16.31
N LEU A 334 7.22 -25.29 16.28
CA LEU A 334 7.71 -26.66 16.02
C LEU A 334 7.28 -27.65 17.13
N ALA A 335 7.46 -27.26 18.39
CA ALA A 335 7.07 -28.12 19.52
C ALA A 335 5.57 -28.40 19.51
N GLU A 336 4.75 -27.40 19.14
CA GLU A 336 3.29 -27.54 19.05
C GLU A 336 2.89 -28.54 17.94
N HIS A 337 3.48 -28.39 16.74
CA HIS A 337 3.23 -29.28 15.60
C HIS A 337 3.66 -30.71 15.92
N LEU A 338 4.85 -30.91 16.50
CA LEU A 338 5.35 -32.25 16.85
C LEU A 338 4.52 -32.96 17.91
N GLN A 339 4.12 -32.22 18.95
CA GLN A 339 3.35 -32.80 20.04
C GLN A 339 2.02 -33.38 19.58
N SER A 340 1.27 -32.61 18.76
CA SER A 340 -0.08 -33.03 18.44
C SER A 340 -0.32 -33.63 17.05
N ALA A 341 0.71 -33.81 16.21
CA ALA A 341 0.51 -34.37 14.86
C ALA A 341 0.29 -35.86 14.87
N ALA A 342 -0.31 -36.37 13.77
CA ALA A 342 -0.57 -37.80 13.56
C ALA A 342 0.76 -38.54 13.43
N ASP A 343 1.72 -37.93 12.76
CA ASP A 343 3.05 -38.51 12.56
C ASP A 343 4.04 -37.38 12.31
N ASN A 344 5.33 -37.66 12.50
CA ASN A 344 6.35 -36.65 12.29
C ASN A 344 6.34 -36.04 10.89
N ALA A 345 6.09 -36.83 9.81
CA ALA A 345 6.07 -36.27 8.43
C ALA A 345 4.99 -35.19 8.29
N SER A 346 3.81 -35.43 8.87
CA SER A 346 2.72 -34.45 8.85
C SER A 346 3.11 -33.23 9.65
N ALA A 347 3.72 -33.41 10.82
CA ALA A 347 4.13 -32.29 11.67
C ALA A 347 5.14 -31.37 10.96
N LEU A 348 6.13 -31.96 10.29
CA LEU A 348 7.19 -31.20 9.63
C LEU A 348 6.68 -30.43 8.42
N ALA A 349 5.80 -31.06 7.60
CA ALA A 349 5.21 -30.37 6.43
C ALA A 349 4.32 -29.20 6.92
N ALA A 350 3.50 -29.44 7.97
CA ALA A 350 2.60 -28.39 8.52
C ALA A 350 3.41 -27.21 9.11
N PHE A 351 4.49 -27.53 9.84
CA PHE A 351 5.36 -26.51 10.43
C PHE A 351 5.95 -25.59 9.34
N THR A 352 6.56 -26.21 8.30
CA THR A 352 7.19 -25.55 7.16
C THR A 352 6.16 -24.65 6.46
N ALA A 353 4.98 -25.21 6.10
CA ALA A 353 3.91 -24.45 5.42
C ALA A 353 3.47 -23.21 6.20
N GLN A 354 3.35 -23.34 7.53
CA GLN A 354 2.96 -22.22 8.40
C GLN A 354 4.08 -21.13 8.54
N ARG A 355 5.30 -21.56 8.83
CA ARG A 355 6.39 -20.63 9.12
C ARG A 355 7.08 -19.98 7.92
N GLN A 356 7.15 -20.66 6.75
CA GLN A 356 7.88 -20.11 5.60
C GLN A 356 7.41 -18.72 5.14
N PRO A 357 6.10 -18.46 4.92
CA PRO A 357 5.72 -17.10 4.47
C PRO A 357 6.11 -16.01 5.48
N ASP A 358 6.05 -16.33 6.80
CA ASP A 358 6.39 -15.38 7.86
C ASP A 358 7.89 -15.14 7.93
N ALA A 359 8.71 -16.19 7.73
CA ALA A 359 10.17 -16.04 7.72
C ALA A 359 10.59 -15.17 6.51
N LEU A 360 9.95 -15.38 5.34
CA LEU A 360 10.26 -14.59 4.14
C LEU A 360 9.92 -13.10 4.39
N ALA A 361 8.81 -12.84 5.08
CA ALA A 361 8.36 -11.48 5.41
C ALA A 361 9.37 -10.77 6.35
N ILE A 362 9.81 -11.44 7.45
CA ILE A 362 10.77 -10.80 8.36
C ILE A 362 12.16 -10.62 7.69
N GLN A 363 12.57 -11.55 6.80
CA GLN A 363 13.84 -11.39 6.09
C GLN A 363 13.80 -10.09 5.26
N ALA A 364 12.66 -9.83 4.59
CA ALA A 364 12.47 -8.63 3.80
C ALA A 364 12.39 -7.37 4.67
N MET A 365 11.66 -7.44 5.81
CA MET A 365 11.53 -6.28 6.69
C MET A 365 12.85 -5.93 7.39
N ALA A 366 13.68 -6.96 7.72
CA ALA A 366 14.98 -6.69 8.35
C ALA A 366 15.91 -5.93 7.40
N LEU A 367 15.92 -6.30 6.12
CA LEU A 367 16.71 -5.60 5.10
C LEU A 367 16.23 -4.13 5.01
N GLU A 368 14.91 -3.89 4.99
CA GLU A 368 14.32 -2.54 4.87
C GLU A 368 14.64 -1.63 6.09
N ASN A 369 14.86 -2.23 7.27
CA ASN A 369 15.09 -1.45 8.48
C ASN A 369 16.47 -0.77 8.53
N TYR A 370 17.44 -1.19 7.69
CA TYR A 370 18.76 -0.57 7.70
C TYR A 370 18.59 0.95 7.37
N VAL A 371 17.82 1.27 6.29
CA VAL A 371 17.59 2.68 5.90
C VAL A 371 16.88 3.48 6.99
N GLU A 372 16.02 2.83 7.77
CA GLU A 372 15.31 3.47 8.87
C GLU A 372 16.25 3.86 9.99
N MET A 373 17.33 3.09 10.19
CA MET A 373 18.29 3.34 11.26
C MET A 373 19.45 4.27 10.89
N SER A 374 20.00 4.10 9.69
CA SER A 374 21.25 4.74 9.31
C SER A 374 21.14 6.09 8.62
N SER A 375 19.92 6.55 8.31
CA SER A 375 19.72 7.85 7.66
C SER A 375 19.94 9.04 8.58
N SER A 379 14.43 13.53 5.78
CA SER A 379 13.54 14.00 4.71
C SER A 379 12.29 14.70 5.31
N PRO A 380 11.96 15.95 4.89
CA PRO A 380 10.75 16.60 5.44
C PRO A 380 9.45 15.85 5.09
N THR A 381 9.39 15.18 3.91
CA THR A 381 8.25 14.36 3.49
C THR A 381 8.03 13.21 4.48
N TYR A 382 9.14 12.53 4.88
CA TYR A 382 9.09 11.45 5.86
C TYR A 382 8.59 11.99 7.21
N LEU A 383 9.06 13.18 7.63
CA LEU A 383 8.68 13.85 8.89
C LEU A 383 7.18 14.15 8.96
N LEU A 384 6.59 14.57 7.82
CA LEU A 384 5.17 14.88 7.70
C LEU A 384 4.34 13.60 7.72
N GLU A 385 4.83 12.56 7.02
CA GLU A 385 4.21 11.23 7.00
C GLU A 385 4.20 10.65 8.40
N ARG A 386 5.33 10.78 9.13
CA ARG A 386 5.50 10.29 10.50
C ARG A 386 4.54 11.02 11.45
N GLU A 387 4.43 12.36 11.32
CA GLU A 387 3.53 13.17 12.14
C GLU A 387 2.06 12.79 11.88
N LEU A 388 1.70 12.57 10.59
CA LEU A 388 0.34 12.16 10.21
C LEU A 388 0.06 10.74 10.71
N GLY A 389 1.06 9.86 10.60
CA GLY A 389 1.01 8.48 11.08
C GLY A 389 0.71 8.42 12.57
N GLN A 390 1.36 9.31 13.35
CA GLN A 390 1.15 9.46 14.80
C GLN A 390 -0.27 9.88 15.14
N ILE A 391 -0.85 10.85 14.37
CA ILE A 391 -2.24 11.29 14.55
C ILE A 391 -3.20 10.12 14.26
N MET A 392 -2.97 9.38 13.14
CA MET A 392 -3.80 8.23 12.78
C MET A 392 -3.76 7.12 13.81
N ALA A 393 -2.58 6.85 14.42
CA ALA A 393 -2.44 5.83 15.47
C ALA A 393 -3.20 6.25 16.74
N GLN A 394 -3.19 7.57 17.05
CA GLN A 394 -3.91 8.12 18.19
C GLN A 394 -5.44 8.03 17.95
N ARG A 395 -5.90 8.50 16.77
CA ARG A 395 -7.31 8.48 16.38
C ARG A 395 -7.88 7.08 16.21
N GLN A 396 -7.08 6.13 15.62
CA GLN A 396 -7.46 4.75 15.29
C GLN A 396 -6.42 3.71 15.79
N PRO A 397 -6.40 3.44 17.12
CA PRO A 397 -5.38 2.52 17.67
C PRO A 397 -5.52 1.04 17.33
N THR A 398 -6.69 0.55 16.94
CA THR A 398 -6.79 -0.86 16.57
C THR A 398 -6.67 -1.06 15.05
N ARG A 399 -6.56 0.05 14.29
CA ARG A 399 -6.45 0.00 12.83
C ARG A 399 -5.09 0.44 12.32
N PHE A 400 -4.62 1.58 12.81
CA PHE A 400 -3.33 2.14 12.41
C PHE A 400 -2.29 1.83 13.49
N ILE A 401 -1.49 0.77 13.27
CA ILE A 401 -0.43 0.32 14.18
C ILE A 401 0.83 0.36 13.34
N PRO A 402 1.79 1.26 13.68
CA PRO A 402 3.03 1.34 12.88
C PRO A 402 3.69 -0.02 12.75
N ARG A 403 4.26 -0.28 11.57
CA ARG A 403 4.87 -1.58 11.30
C ARG A 403 5.88 -2.01 12.36
N TYR A 404 6.73 -1.08 12.84
CA TYR A 404 7.70 -1.43 13.89
C TYR A 404 6.99 -2.05 15.10
N SER A 405 5.85 -1.49 15.51
CA SER A 405 5.07 -1.99 16.65
C SER A 405 4.45 -3.35 16.35
N MET A 406 3.90 -3.54 15.14
CA MET A 406 3.32 -4.86 14.80
C MET A 406 4.41 -5.95 14.86
N VAL A 407 5.62 -5.64 14.34
CA VAL A 407 6.73 -6.64 14.36
C VAL A 407 7.23 -6.86 15.79
N THR A 408 7.50 -5.77 16.51
CA THR A 408 8.18 -5.82 17.81
C THR A 408 7.28 -6.11 19.03
N PHE A 409 6.08 -5.51 19.11
CA PHE A 409 5.23 -5.64 20.29
C PHE A 409 4.01 -6.55 20.13
N SER A 410 3.84 -7.15 18.96
CA SER A 410 2.71 -8.03 18.76
C SER A 410 3.17 -9.39 18.23
N ARG A 411 2.25 -10.36 18.21
CA ARG A 411 2.56 -11.68 17.65
C ARG A 411 1.81 -11.90 16.34
N LEU A 412 1.33 -10.80 15.71
CA LEU A 412 0.65 -10.86 14.43
C LEU A 412 1.58 -11.56 13.43
N PRO A 413 1.14 -12.54 12.61
CA PRO A 413 2.10 -13.20 11.67
C PRO A 413 2.88 -12.14 10.88
N TYR A 414 4.22 -12.32 10.75
CA TYR A 414 5.05 -11.34 10.05
C TYR A 414 4.52 -10.92 8.69
N ALA A 415 4.00 -11.88 7.89
CA ALA A 415 3.47 -11.55 6.56
C ALA A 415 2.27 -10.60 6.66
N GLN A 416 1.45 -10.74 7.71
CA GLN A 416 0.30 -9.84 7.93
C GLN A 416 0.76 -8.42 8.36
N ALA A 417 1.78 -8.34 9.23
CA ALA A 417 2.37 -7.08 9.66
C ALA A 417 2.94 -6.36 8.43
N MET A 418 3.57 -7.12 7.51
CA MET A 418 4.10 -6.52 6.28
C MET A 418 2.99 -6.00 5.36
N ALA A 419 1.92 -6.80 5.18
CA ALA A 419 0.79 -6.40 4.32
C ALA A 419 0.07 -5.17 4.87
N ARG A 420 -0.20 -5.13 6.19
CA ARG A 420 -0.83 -3.95 6.82
C ARG A 420 0.09 -2.72 6.76
N GLY A 421 1.39 -2.94 6.99
CA GLY A 421 2.42 -1.92 6.91
C GLY A 421 2.42 -1.25 5.54
N GLN A 422 2.24 -2.06 4.47
CA GLN A 422 2.13 -1.57 3.07
C GLN A 422 0.88 -0.70 2.83
N ILE A 423 -0.28 -1.10 3.38
CA ILE A 423 -1.54 -0.34 3.24
C ILE A 423 -1.34 1.05 3.86
N GLN A 424 -0.71 1.08 5.06
CA GLN A 424 -0.44 2.29 5.82
C GLN A 424 0.52 3.21 5.10
N GLU A 425 1.64 2.67 4.56
CA GLU A 425 2.60 3.48 3.82
C GLU A 425 1.92 4.11 2.59
N GLN A 426 1.14 3.32 1.83
CA GLN A 426 0.40 3.80 0.64
C GLN A 426 -0.60 4.92 1.03
N LEU A 427 -1.30 4.76 2.15
CA LEU A 427 -2.28 5.73 2.66
C LEU A 427 -1.61 7.07 3.01
N LEU A 428 -0.48 7.01 3.73
CA LEU A 428 0.25 8.21 4.15
C LEU A 428 0.87 8.93 2.99
N LYS A 429 1.40 8.18 2.00
CA LYS A 429 2.03 8.73 0.81
C LYS A 429 1.03 9.59 0.03
N PHE A 430 -0.16 9.04 -0.30
CA PHE A 430 -1.18 9.81 -1.02
C PHE A 430 -1.74 10.98 -0.20
N ALA A 431 -1.79 10.86 1.13
CA ALA A 431 -2.31 11.93 2.01
C ALA A 431 -1.39 13.15 2.11
N VAL A 432 -0.05 12.92 2.09
CA VAL A 432 0.89 14.06 2.25
C VAL A 432 1.32 14.68 0.94
N ALA A 433 1.16 13.96 -0.16
CA ALA A 433 1.56 14.42 -1.46
C ALA A 433 0.97 15.81 -1.77
N ASN A 434 1.87 16.75 -2.18
CA ASN A 434 1.55 18.14 -2.52
C ASN A 434 1.11 19.00 -1.33
N HIS A 435 1.46 18.57 -0.12
CA HIS A 435 1.19 19.33 1.09
C HIS A 435 2.51 19.58 1.78
N SER A 436 2.79 20.86 2.11
CA SER A 436 4.02 21.28 2.77
C SER A 436 4.00 20.94 4.25
N ASP A 437 2.82 21.03 4.87
CA ASP A 437 2.64 20.73 6.29
C ASP A 437 1.24 20.18 6.57
N LEU A 438 0.99 19.82 7.83
CA LEU A 438 -0.22 19.24 8.38
C LEU A 438 -1.48 20.08 8.21
N THR A 439 -1.37 21.43 8.38
CA THR A 439 -2.50 22.37 8.35
C THR A 439 -3.34 22.33 7.04
N SER A 440 -2.70 21.95 5.92
CA SER A 440 -3.39 21.84 4.62
C SER A 440 -3.96 20.42 4.36
N ILE A 441 -3.67 19.44 5.26
CA ILE A 441 -4.17 18.06 5.14
C ILE A 441 -5.50 17.94 5.90
N ASN A 442 -6.53 17.37 5.25
CA ASN A 442 -7.85 17.17 5.86
C ASN A 442 -7.73 15.88 6.67
N LEU A 443 -7.51 16.02 8.00
CA LEU A 443 -7.27 14.89 8.90
C LEU A 443 -8.44 13.91 8.98
N ASP A 444 -9.69 14.41 8.97
CA ASP A 444 -10.87 13.55 9.02
C ASP A 444 -10.97 12.66 7.77
N ALA A 445 -10.63 13.21 6.58
CA ALA A 445 -10.63 12.43 5.33
C ALA A 445 -9.57 11.33 5.37
N VAL A 446 -8.38 11.61 5.95
CA VAL A 446 -7.31 10.60 6.09
C VAL A 446 -7.83 9.50 7.03
N GLU A 447 -8.44 9.87 8.16
CA GLU A 447 -9.02 8.92 9.12
C GLU A 447 -10.10 8.03 8.48
N HIS A 448 -10.97 8.61 7.60
CA HIS A 448 -12.00 7.86 6.87
C HIS A 448 -11.33 6.78 6.01
N GLU A 449 -10.21 7.13 5.33
CA GLU A 449 -9.42 6.20 4.52
C GLU A 449 -8.87 5.04 5.37
N VAL A 450 -8.44 5.35 6.62
CA VAL A 450 -7.94 4.34 7.57
C VAL A 450 -9.08 3.35 7.89
N THR A 451 -10.30 3.86 8.24
CA THR A 451 -11.44 3.00 8.58
C THR A 451 -11.89 2.15 7.37
N ARG A 452 -11.76 2.70 6.16
CA ARG A 452 -12.13 2.02 4.92
C ARG A 452 -11.13 0.93 4.50
N CYS A 453 -9.80 1.15 4.70
CA CYS A 453 -8.75 0.23 4.23
C CYS A 453 -8.10 -0.67 5.29
N LEU A 454 -8.27 -0.38 6.59
CA LEU A 454 -7.63 -1.22 7.62
C LEU A 454 -8.64 -1.81 8.60
N PRO A 455 -8.93 -3.13 8.53
CA PRO A 455 -9.88 -3.71 9.50
C PRO A 455 -9.30 -3.69 10.91
N PRO A 456 -10.13 -3.52 11.97
CA PRO A 456 -9.55 -3.47 13.32
C PRO A 456 -8.95 -4.79 13.74
N LEU A 457 -7.84 -4.72 14.49
CA LEU A 457 -7.18 -5.91 15.03
C LEU A 457 -7.63 -6.23 16.45
N ALA B 7 7.63 28.56 -32.99
CA ALA B 7 6.48 28.12 -32.18
C ALA B 7 6.84 26.88 -31.37
N ARG B 8 6.26 26.76 -30.15
CA ARG B 8 6.48 25.60 -29.29
C ARG B 8 5.77 24.38 -29.85
N GLN B 9 6.38 23.20 -29.71
CA GLN B 9 5.85 21.97 -30.29
C GLN B 9 5.33 21.00 -29.25
N VAL B 10 4.29 20.26 -29.61
CA VAL B 10 3.72 19.27 -28.71
C VAL B 10 3.16 18.08 -29.51
N THR B 11 3.28 16.88 -28.94
CA THR B 11 2.72 15.67 -29.52
C THR B 11 1.72 15.14 -28.52
N ILE B 12 0.50 14.86 -28.97
CA ILE B 12 -0.54 14.36 -28.05
C ILE B 12 -0.94 12.96 -28.49
N ILE B 13 -1.00 12.01 -27.55
CA ILE B 13 -1.44 10.65 -27.87
C ILE B 13 -2.88 10.52 -27.36
N GLY B 14 -3.81 10.25 -28.26
CA GLY B 14 -5.20 10.01 -27.94
C GLY B 14 -6.08 11.18 -28.32
N ALA B 15 -6.84 11.03 -29.41
CA ALA B 15 -7.78 12.05 -29.83
C ALA B 15 -9.17 11.72 -29.23
N GLY B 16 -9.21 11.65 -27.90
CA GLY B 16 -10.42 11.38 -27.14
C GLY B 16 -11.01 12.70 -26.68
N LEU B 17 -11.39 12.80 -25.40
CA LEU B 17 -12.01 14.04 -24.95
C LEU B 17 -10.97 15.08 -24.49
N ALA B 18 -10.07 14.69 -23.56
CA ALA B 18 -9.04 15.61 -23.06
C ALA B 18 -8.00 15.94 -24.15
N GLY B 19 -7.58 14.93 -24.92
CA GLY B 19 -6.56 15.13 -25.96
C GLY B 19 -6.95 16.11 -27.04
N THR B 20 -8.17 15.96 -27.54
CA THR B 20 -8.67 16.85 -28.61
CA THR B 20 -8.64 16.83 -28.62
C THR B 20 -8.92 18.25 -28.11
N LEU B 21 -9.40 18.38 -26.83
CA LEU B 21 -9.64 19.70 -26.29
C LEU B 21 -8.30 20.41 -26.09
N VAL B 22 -7.33 19.73 -25.47
CA VAL B 22 -6.01 20.36 -25.24
C VAL B 22 -5.32 20.71 -26.60
N ALA B 23 -5.57 19.91 -27.64
CA ALA B 23 -5.03 20.17 -29.00
C ALA B 23 -5.60 21.48 -29.53
N ARG B 24 -6.92 21.71 -29.36
CA ARG B 24 -7.53 22.95 -29.83
C ARG B 24 -6.99 24.16 -29.05
N LEU B 25 -6.95 24.06 -27.71
CA LEU B 25 -6.48 25.16 -26.87
C LEU B 25 -5.03 25.57 -27.19
N LEU B 26 -4.12 24.59 -27.32
CA LEU B 26 -2.71 24.91 -27.64
C LEU B 26 -2.53 25.41 -29.06
N ALA B 27 -3.16 24.76 -30.06
CA ALA B 27 -3.05 25.16 -31.48
C ALA B 27 -3.62 26.58 -31.72
N ARG B 28 -4.69 26.95 -31.03
CA ARG B 28 -5.21 28.31 -31.28
C ARG B 28 -4.32 29.38 -30.63
N ASN B 29 -3.45 28.96 -29.70
CA ASN B 29 -2.43 29.83 -29.07
C ASN B 29 -1.09 29.74 -29.81
N GLY B 30 -1.13 29.22 -31.04
CA GLY B 30 0.05 29.17 -31.90
C GLY B 30 1.00 27.98 -31.79
N TRP B 31 0.70 26.98 -30.91
CA TRP B 31 1.57 25.80 -30.79
C TRP B 31 1.48 24.95 -32.05
N GLN B 32 2.60 24.26 -32.40
CA GLN B 32 2.55 23.29 -33.50
C GLN B 32 2.10 21.99 -32.80
N VAL B 33 0.87 21.52 -33.11
CA VAL B 33 0.30 20.37 -32.45
C VAL B 33 0.15 19.19 -33.43
N ASN B 34 0.62 17.99 -33.02
CA ASN B 34 0.43 16.75 -33.76
C ASN B 34 -0.28 15.79 -32.81
N LEU B 35 -1.46 15.32 -33.19
CA LEU B 35 -2.28 14.46 -32.33
C LEU B 35 -2.36 13.06 -32.99
N PHE B 36 -1.99 12.00 -32.26
CA PHE B 36 -2.01 10.61 -32.80
C PHE B 36 -3.17 9.84 -32.17
N GLU B 37 -3.96 9.12 -32.99
CA GLU B 37 -5.13 8.38 -32.48
C GLU B 37 -5.11 6.96 -33.04
N ARG B 38 -5.32 5.96 -32.18
CA ARG B 38 -5.29 4.55 -32.62
C ARG B 38 -6.44 4.22 -33.57
N ARG B 39 -7.63 4.75 -33.27
CA ARG B 39 -8.85 4.46 -34.05
C ARG B 39 -8.91 5.20 -35.40
N PRO B 40 -9.82 4.79 -36.32
CA PRO B 40 -10.01 5.58 -37.55
C PRO B 40 -10.74 6.89 -37.22
N ASP B 41 -10.73 7.82 -38.18
CA ASP B 41 -11.45 9.08 -38.05
C ASP B 41 -12.96 8.79 -38.06
N PRO B 42 -13.71 9.09 -36.95
CA PRO B 42 -15.17 8.84 -36.96
C PRO B 42 -15.96 9.71 -37.94
N ARG B 43 -15.33 10.75 -38.50
CA ARG B 43 -15.99 11.66 -39.45
C ARG B 43 -16.07 11.06 -40.85
N ILE B 44 -15.28 10.02 -41.13
CA ILE B 44 -15.31 9.38 -42.44
C ILE B 44 -16.50 8.37 -42.41
N GLU B 45 -17.53 8.63 -43.23
CA GLU B 45 -18.71 7.75 -43.29
C GLU B 45 -18.36 6.34 -43.80
N THR B 46 -18.80 5.33 -43.05
CA THR B 46 -18.59 3.92 -43.39
C THR B 46 -19.92 3.20 -43.37
N GLY B 47 -19.90 1.91 -43.70
CA GLY B 47 -21.12 1.12 -43.64
C GLY B 47 -21.30 0.51 -42.25
N ALA B 48 -20.42 0.86 -41.30
CA ALA B 48 -20.46 0.30 -39.95
C ALA B 48 -21.68 0.77 -39.15
N ARG B 49 -22.17 -0.08 -38.24
CA ARG B 49 -23.32 0.25 -37.40
C ARG B 49 -22.80 0.91 -36.13
N GLY B 50 -22.77 2.25 -36.16
CA GLY B 50 -22.30 3.08 -35.05
C GLY B 50 -23.27 3.07 -33.88
N ARG B 51 -22.83 2.54 -32.74
CA ARG B 51 -23.63 2.47 -31.51
C ARG B 51 -22.90 3.22 -30.38
N SER B 52 -23.02 4.56 -30.36
CA SER B 52 -22.35 5.39 -29.38
C SER B 52 -23.16 5.59 -28.09
N ILE B 53 -22.45 5.70 -26.96
CA ILE B 53 -23.01 5.94 -25.64
C ILE B 53 -23.27 7.43 -25.44
N ASN B 54 -24.14 7.76 -24.49
CA ASN B 54 -24.37 9.15 -24.10
C ASN B 54 -23.63 9.41 -22.76
N LEU B 55 -23.21 10.66 -22.51
CA LEU B 55 -22.44 11.03 -21.33
C LEU B 55 -23.15 12.20 -20.64
N ALA B 56 -22.99 12.34 -19.31
CA ALA B 56 -23.60 13.47 -18.61
C ALA B 56 -22.56 14.61 -18.50
N LEU B 57 -22.82 15.69 -19.25
CA LEU B 57 -22.00 16.89 -19.29
C LEU B 57 -22.47 17.84 -18.18
N ALA B 58 -21.54 18.25 -17.31
CA ALA B 58 -21.87 19.17 -16.20
C ALA B 58 -21.03 20.47 -16.33
N GLU B 59 -21.10 21.38 -15.35
CA GLU B 59 -20.43 22.68 -15.46
C GLU B 59 -18.92 22.61 -15.77
N ARG B 60 -18.17 21.68 -15.16
CA ARG B 60 -16.71 21.62 -15.41
C ARG B 60 -16.42 21.32 -16.89
N GLY B 61 -17.15 20.36 -17.47
CA GLY B 61 -16.98 20.02 -18.88
C GLY B 61 -17.53 21.12 -19.78
N ALA B 62 -18.72 21.64 -19.45
CA ALA B 62 -19.38 22.70 -20.23
C ALA B 62 -18.51 23.95 -20.26
N HIS B 63 -17.92 24.35 -19.11
CA HIS B 63 -17.05 25.53 -19.07
C HIS B 63 -15.80 25.33 -19.95
N ALA B 64 -15.23 24.13 -19.93
CA ALA B 64 -14.06 23.80 -20.77
C ALA B 64 -14.42 23.96 -22.24
N LEU B 65 -15.60 23.45 -22.67
CA LEU B 65 -16.07 23.59 -24.05
C LEU B 65 -16.36 25.06 -24.35
N ARG B 66 -16.87 25.80 -23.36
CA ARG B 66 -17.19 27.23 -23.49
C ARG B 66 -15.91 28.06 -23.77
N LEU B 67 -14.84 27.81 -23.00
CA LEU B 67 -13.55 28.46 -23.23
C LEU B 67 -13.05 28.18 -24.64
N ALA B 68 -13.30 26.96 -25.14
CA ALA B 68 -12.85 26.55 -26.46
C ALA B 68 -13.77 27.04 -27.60
N GLY B 69 -14.91 27.62 -27.25
CA GLY B 69 -15.90 28.12 -28.22
C GLY B 69 -16.73 27.02 -28.86
N LEU B 70 -16.86 25.85 -28.19
CA LEU B 70 -17.60 24.69 -28.74
C LEU B 70 -18.87 24.32 -27.96
N GLU B 71 -19.14 25.02 -26.83
CA GLU B 71 -20.29 24.67 -25.99
C GLU B 71 -21.64 24.78 -26.73
N ARG B 72 -21.87 25.87 -27.49
CA ARG B 72 -23.16 26.04 -28.19
C ARG B 72 -23.45 24.90 -29.14
N GLU B 73 -22.44 24.50 -29.95
CA GLU B 73 -22.56 23.39 -30.89
C GLU B 73 -22.88 22.09 -30.15
N VAL B 74 -22.18 21.80 -29.05
CA VAL B 74 -22.40 20.55 -28.27
C VAL B 74 -23.82 20.54 -27.67
N LEU B 75 -24.24 21.66 -27.08
CA LEU B 75 -25.54 21.74 -26.40
C LEU B 75 -26.73 21.66 -27.35
N ALA B 76 -26.52 21.99 -28.65
CA ALA B 76 -27.60 21.94 -29.67
C ALA B 76 -28.29 20.56 -29.73
N GLU B 77 -27.58 19.47 -29.45
CA GLU B 77 -28.27 18.18 -29.43
C GLU B 77 -28.20 17.52 -28.05
N ALA B 78 -27.99 18.33 -27.00
CA ALA B 78 -27.93 17.75 -25.66
C ALA B 78 -29.29 17.71 -25.05
N VAL B 79 -29.60 16.67 -24.28
CA VAL B 79 -30.91 16.54 -23.62
C VAL B 79 -30.77 17.10 -22.21
N MET B 80 -31.66 18.03 -21.83
CA MET B 80 -31.62 18.60 -20.47
C MET B 80 -32.06 17.56 -19.44
N MET B 81 -31.29 17.34 -18.37
CA MET B 81 -31.66 16.44 -17.28
C MET B 81 -31.81 17.33 -16.03
N ARG B 82 -33.10 17.58 -15.65
CA ARG B 82 -33.44 18.51 -14.56
C ARG B 82 -33.22 17.95 -13.15
N GLY B 83 -33.18 16.64 -13.02
CA GLY B 83 -32.98 15.98 -11.73
C GLY B 83 -33.00 14.48 -11.81
N ARG B 84 -32.96 13.85 -10.64
CA ARG B 84 -33.02 12.40 -10.50
C ARG B 84 -34.49 12.04 -10.48
N MET B 85 -34.92 11.22 -11.44
CA MET B 85 -36.28 10.67 -11.40
C MET B 85 -36.04 9.32 -10.68
N VAL B 86 -36.42 9.28 -9.40
CA VAL B 86 -36.15 8.12 -8.53
C VAL B 86 -37.32 7.17 -8.53
N HIS B 87 -37.07 5.89 -8.90
CA HIS B 87 -38.10 4.86 -9.00
C HIS B 87 -37.96 3.96 -7.77
N VAL B 88 -38.77 4.24 -6.73
CA VAL B 88 -38.69 3.55 -5.44
C VAL B 88 -39.96 2.70 -5.33
N PRO B 89 -39.87 1.37 -5.13
CA PRO B 89 -41.10 0.54 -5.07
C PRO B 89 -42.13 0.98 -4.04
N GLY B 90 -43.39 0.92 -4.42
CA GLY B 90 -44.53 1.31 -3.56
C GLY B 90 -45.02 2.73 -3.77
N THR B 91 -44.21 3.56 -4.43
CA THR B 91 -44.56 4.97 -4.72
C THR B 91 -44.43 5.22 -6.25
N PRO B 92 -45.17 6.17 -6.87
CA PRO B 92 -44.88 6.51 -8.29
C PRO B 92 -43.49 7.17 -8.42
N PRO B 93 -42.82 7.11 -9.59
CA PRO B 93 -41.51 7.78 -9.71
C PRO B 93 -41.57 9.27 -9.38
N ASN B 94 -40.56 9.74 -8.67
CA ASN B 94 -40.56 11.14 -8.23
C ASN B 94 -39.29 11.88 -8.61
N LEU B 95 -39.44 13.12 -9.05
CA LEU B 95 -38.29 13.92 -9.44
C LEU B 95 -37.69 14.64 -8.23
N GLN B 96 -36.37 14.50 -8.07
CA GLN B 96 -35.56 15.16 -7.05
C GLN B 96 -34.66 16.11 -7.83
N PRO B 97 -35.13 17.38 -8.00
CA PRO B 97 -34.36 18.35 -8.81
C PRO B 97 -32.90 18.50 -8.36
N TYR B 98 -31.99 18.67 -9.34
CA TYR B 98 -30.56 18.81 -9.06
C TYR B 98 -30.22 20.15 -8.44
N GLY B 99 -30.93 21.19 -8.86
CA GLY B 99 -30.60 22.54 -8.42
C GLY B 99 -31.77 23.44 -8.16
N ARG B 100 -31.45 24.73 -8.02
CA ARG B 100 -32.39 25.80 -7.71
C ARG B 100 -33.30 26.18 -8.89
N ASP B 101 -32.85 25.99 -10.15
CA ASP B 101 -33.58 26.30 -11.39
C ASP B 101 -32.97 25.58 -12.62
N ASP B 102 -33.50 25.87 -13.83
CA ASP B 102 -33.07 25.26 -15.10
C ASP B 102 -31.66 25.69 -15.53
N SER B 103 -31.00 26.54 -14.72
CA SER B 103 -29.61 26.90 -14.98
C SER B 103 -28.71 25.82 -14.32
N GLU B 104 -29.24 25.09 -13.33
CA GLU B 104 -28.51 24.02 -12.64
C GLU B 104 -29.09 22.67 -13.09
N VAL B 105 -28.65 22.26 -14.28
CA VAL B 105 -29.05 21.01 -14.94
C VAL B 105 -27.80 20.33 -15.49
N ILE B 106 -27.95 19.05 -15.81
CA ILE B 106 -26.90 18.27 -16.47
C ILE B 106 -27.41 17.89 -17.86
N TRP B 107 -26.52 17.72 -18.81
CA TRP B 107 -26.85 17.50 -20.20
C TRP B 107 -26.44 16.13 -20.68
N SER B 108 -27.35 15.43 -21.34
CA SER B 108 -27.01 14.11 -21.87
C SER B 108 -26.58 14.34 -23.35
N ILE B 109 -25.33 14.01 -23.68
CA ILE B 109 -24.74 14.23 -25.01
C ILE B 109 -24.20 12.92 -25.60
N ASN B 110 -24.28 12.76 -26.90
CA ASN B 110 -23.76 11.57 -27.56
C ASN B 110 -22.21 11.67 -27.66
N ARG B 111 -21.50 10.65 -27.17
CA ARG B 111 -20.03 10.62 -27.19
C ARG B 111 -19.45 10.87 -28.62
N ASP B 112 -19.93 10.11 -29.63
CA ASP B 112 -19.42 10.25 -31.00
C ASP B 112 -19.66 11.63 -31.60
N ARG B 113 -20.80 12.25 -31.31
CA ARG B 113 -21.07 13.61 -31.79
C ARG B 113 -20.09 14.59 -31.12
N LEU B 114 -19.90 14.47 -29.78
CA LEU B 114 -18.96 15.33 -29.05
C LEU B 114 -17.55 15.17 -29.66
N ASN B 115 -17.13 13.91 -29.93
CA ASN B 115 -15.79 13.70 -30.48
C ASN B 115 -15.61 14.37 -31.84
N ARG B 116 -16.62 14.27 -32.73
CA ARG B 116 -16.57 14.88 -34.07
C ARG B 116 -16.45 16.39 -33.95
N ILE B 117 -17.22 17.00 -33.04
CA ILE B 117 -17.16 18.46 -32.78
C ILE B 117 -15.73 18.83 -32.30
N LEU B 118 -15.17 18.08 -31.35
CA LEU B 118 -13.80 18.33 -30.82
C LEU B 118 -12.75 18.17 -31.91
N LEU B 119 -12.86 17.10 -32.76
CA LEU B 119 -11.93 16.89 -33.88
C LEU B 119 -11.98 18.06 -34.86
N ASP B 120 -13.18 18.47 -35.27
CA ASP B 120 -13.32 19.61 -36.17
C ASP B 120 -12.71 20.87 -35.54
N GLY B 121 -12.95 21.07 -34.23
CA GLY B 121 -12.43 22.22 -33.49
C GLY B 121 -10.91 22.24 -33.43
N ALA B 122 -10.28 21.06 -33.18
CA ALA B 122 -8.81 21.00 -33.11
C ALA B 122 -8.18 21.33 -34.48
N GLU B 123 -8.75 20.78 -35.57
CA GLU B 123 -8.24 21.04 -36.93
C GLU B 123 -8.49 22.49 -37.34
N ALA B 124 -9.65 23.07 -36.95
CA ALA B 124 -9.93 24.48 -37.28
C ALA B 124 -8.85 25.38 -36.63
N ALA B 125 -8.37 25.01 -35.43
CA ALA B 125 -7.35 25.76 -34.68
C ALA B 125 -5.93 25.57 -35.22
N GLY B 126 -5.72 24.57 -36.08
CA GLY B 126 -4.43 24.32 -36.70
C GLY B 126 -3.74 23.01 -36.31
N ALA B 127 -4.36 22.19 -35.45
CA ALA B 127 -3.78 20.90 -35.05
C ALA B 127 -3.80 19.92 -36.23
N SER B 128 -2.78 19.04 -36.31
CA SER B 128 -2.75 17.97 -37.33
C SER B 128 -3.10 16.71 -36.59
N ILE B 129 -4.09 15.98 -37.09
CA ILE B 129 -4.54 14.74 -36.44
C ILE B 129 -4.22 13.55 -37.34
N HIS B 130 -3.54 12.53 -36.78
CA HIS B 130 -3.09 11.34 -37.48
C HIS B 130 -3.81 10.14 -36.88
N PHE B 131 -4.75 9.56 -37.63
CA PHE B 131 -5.54 8.45 -37.13
C PHE B 131 -4.90 7.12 -37.54
N ASN B 132 -5.45 6.00 -37.02
CA ASN B 132 -4.97 4.66 -37.37
C ASN B 132 -3.52 4.45 -36.95
N LEU B 133 -3.09 5.14 -35.87
CA LEU B 133 -1.72 5.02 -35.38
C LEU B 133 -1.75 4.88 -33.86
N GLY B 134 -1.44 3.69 -33.38
CA GLY B 134 -1.45 3.42 -31.95
C GLY B 134 -0.04 3.48 -31.39
N LEU B 135 0.13 4.16 -30.27
CA LEU B 135 1.44 4.24 -29.60
C LEU B 135 1.74 2.89 -28.99
N ASP B 136 2.94 2.37 -29.31
CA ASP B 136 3.42 1.08 -28.81
C ASP B 136 4.45 1.23 -27.70
N SER B 137 5.39 2.18 -27.84
CA SER B 137 6.49 2.37 -26.90
C SER B 137 7.10 3.77 -27.06
N VAL B 138 7.81 4.21 -26.02
CA VAL B 138 8.48 5.51 -26.01
C VAL B 138 9.95 5.30 -25.63
N ASP B 139 10.87 5.93 -26.35
CA ASP B 139 12.29 5.92 -26.00
C ASP B 139 12.52 7.33 -25.43
N PHE B 140 12.50 7.49 -24.10
CA PHE B 140 12.66 8.82 -23.50
C PHE B 140 14.08 9.41 -23.66
N ALA B 141 15.12 8.57 -23.77
CA ALA B 141 16.50 9.03 -23.98
C ALA B 141 16.64 9.75 -25.34
N ARG B 142 16.07 9.16 -26.43
CA ARG B 142 16.13 9.77 -27.77
C ARG B 142 14.92 10.66 -28.07
N GLN B 143 13.93 10.67 -27.18
CA GLN B 143 12.65 11.36 -27.41
C GLN B 143 12.09 10.91 -28.76
N ARG B 144 11.94 9.59 -28.89
CA ARG B 144 11.36 8.97 -30.05
C ARG B 144 10.24 8.06 -29.61
N LEU B 145 9.20 8.03 -30.35
CA LEU B 145 8.11 7.13 -30.04
C LEU B 145 7.89 6.17 -31.20
N THR B 146 7.33 5.00 -30.90
CA THR B 146 7.04 4.00 -31.93
C THR B 146 5.54 3.82 -31.98
N LEU B 147 4.96 4.00 -33.17
CA LEU B 147 3.53 3.83 -33.39
C LEU B 147 3.35 2.72 -34.42
N SER B 148 2.15 2.15 -34.50
CA SER B 148 1.87 1.16 -35.54
C SER B 148 0.41 1.22 -35.95
N ASN B 149 0.11 0.79 -37.19
CA ASN B 149 -1.27 0.70 -37.67
C ASN B 149 -1.81 -0.71 -37.29
N VAL B 150 -3.12 -1.01 -37.53
CA VAL B 150 -3.77 -2.30 -37.19
C VAL B 150 -3.03 -3.50 -37.83
N SER B 151 -2.48 -3.32 -39.05
CA SER B 151 -1.72 -4.35 -39.76
C SER B 151 -0.28 -4.59 -39.21
N GLY B 152 0.09 -3.85 -38.16
CA GLY B 152 1.37 -3.98 -37.46
C GLY B 152 2.58 -3.28 -38.04
N GLU B 153 2.39 -2.47 -39.10
CA GLU B 153 3.49 -1.73 -39.72
C GLU B 153 3.94 -0.62 -38.73
N ARG B 154 5.23 -0.65 -38.29
CA ARG B 154 5.79 0.28 -37.31
C ARG B 154 6.38 1.55 -37.92
N LEU B 155 6.21 2.66 -37.20
CA LEU B 155 6.64 4.00 -37.60
C LEU B 155 7.22 4.72 -36.36
N GLU B 156 8.40 5.33 -36.49
CA GLU B 156 9.03 6.09 -35.38
C GLU B 156 8.86 7.58 -35.62
N LYS B 157 8.57 8.34 -34.56
CA LYS B 157 8.44 9.79 -34.63
C LYS B 157 9.20 10.43 -33.48
N ARG B 158 9.91 11.54 -33.78
CA ARG B 158 10.58 12.33 -32.77
C ARG B 158 9.52 13.19 -32.06
N PHE B 159 9.74 13.54 -30.79
CA PHE B 159 8.83 14.42 -30.06
C PHE B 159 9.66 15.35 -29.17
N HIS B 160 9.07 16.51 -28.81
CA HIS B 160 9.70 17.51 -27.94
C HIS B 160 8.98 17.50 -26.61
N LEU B 161 7.64 17.44 -26.63
CA LEU B 161 6.78 17.35 -25.44
C LEU B 161 5.70 16.33 -25.75
N LEU B 162 5.49 15.39 -24.82
CA LEU B 162 4.52 14.33 -25.02
C LEU B 162 3.37 14.44 -24.04
N ILE B 163 2.13 14.47 -24.54
CA ILE B 163 0.96 14.49 -23.67
C ILE B 163 0.22 13.16 -23.82
N GLY B 164 0.10 12.44 -22.71
CA GLY B 164 -0.62 11.17 -22.66
C GLY B 164 -2.07 11.43 -22.31
N ALA B 165 -2.92 11.49 -23.35
CA ALA B 165 -4.38 11.70 -23.22
C ALA B 165 -5.04 10.42 -23.80
N ASP B 166 -4.41 9.27 -23.51
CA ASP B 166 -4.74 8.00 -24.15
C ASP B 166 -5.55 7.04 -23.29
N GLY B 167 -6.35 7.58 -22.38
CA GLY B 167 -7.35 6.78 -21.67
C GLY B 167 -6.91 5.92 -20.51
N CYS B 168 -7.86 5.18 -19.93
CA CYS B 168 -7.62 4.42 -18.71
C CYS B 168 -6.54 3.34 -18.85
N ASN B 169 -6.30 2.83 -20.08
CA ASN B 169 -5.24 1.83 -20.31
C ASN B 169 -4.08 2.46 -21.08
N SER B 170 -3.78 3.73 -20.75
CA SER B 170 -2.73 4.57 -21.34
C SER B 170 -1.41 3.86 -21.66
N ALA B 171 -0.99 3.91 -22.93
CA ALA B 171 0.31 3.42 -23.40
C ALA B 171 1.42 4.39 -22.93
N VAL B 172 1.13 5.71 -22.87
CA VAL B 172 2.10 6.68 -22.35
C VAL B 172 2.40 6.38 -20.88
N ARG B 173 1.36 6.10 -20.07
CA ARG B 173 1.58 5.77 -18.65
C ARG B 173 2.50 4.54 -18.51
N GLN B 174 2.22 3.49 -19.30
CA GLN B 174 3.03 2.27 -19.30
C GLN B 174 4.49 2.59 -19.67
N ALA B 175 4.69 3.42 -20.71
CA ALA B 175 6.04 3.82 -21.15
C ALA B 175 6.78 4.59 -20.04
N MET B 176 6.06 5.48 -19.33
CA MET B 176 6.65 6.27 -18.25
C MET B 176 7.21 5.39 -17.12
N ALA B 177 6.61 4.17 -16.88
CA ALA B 177 7.10 3.23 -15.85
C ALA B 177 8.53 2.73 -16.11
N SER B 178 9.05 2.91 -17.32
CA SER B 178 10.44 2.51 -17.61
C SER B 178 11.43 3.57 -17.10
N VAL B 179 10.97 4.83 -16.87
CA VAL B 179 11.87 5.92 -16.48
C VAL B 179 11.57 6.53 -15.11
N VAL B 180 10.38 6.31 -14.57
CA VAL B 180 10.01 6.89 -13.29
C VAL B 180 9.12 5.93 -12.51
N ASP B 181 9.11 6.08 -11.18
CA ASP B 181 8.24 5.34 -10.29
C ASP B 181 6.98 6.17 -10.25
N LEU B 182 5.89 5.66 -10.84
CA LEU B 182 4.61 6.36 -10.89
C LEU B 182 3.90 6.35 -9.53
N GLY B 183 4.26 5.38 -8.67
CA GLY B 183 3.63 5.21 -7.37
C GLY B 183 2.16 4.87 -7.53
N GLU B 184 1.86 3.97 -8.50
CA GLU B 184 0.51 3.52 -8.84
C GLU B 184 -0.04 2.69 -7.71
N HIS B 185 -1.35 2.76 -7.57
CA HIS B 185 -2.12 1.95 -6.65
C HIS B 185 -3.48 1.72 -7.31
N LEU B 186 -3.74 0.47 -7.71
CA LEU B 186 -5.02 0.11 -8.33
C LEU B 186 -5.96 -0.41 -7.25
N GLU B 187 -7.17 0.15 -7.19
CA GLU B 187 -8.18 -0.29 -6.25
C GLU B 187 -9.36 -0.78 -7.06
N THR B 188 -9.56 -2.11 -7.11
CA THR B 188 -10.68 -2.72 -7.83
C THR B 188 -12.01 -2.39 -7.11
N GLN B 189 -13.11 -2.41 -7.86
CA GLN B 189 -14.43 -2.09 -7.32
C GLN B 189 -15.32 -3.35 -7.49
N PRO B 190 -16.14 -3.75 -6.47
CA PRO B 190 -16.89 -5.03 -6.60
C PRO B 190 -18.02 -5.06 -7.63
N HIS B 191 -18.51 -3.87 -8.09
CA HIS B 191 -19.60 -3.84 -9.07
C HIS B 191 -19.13 -3.97 -10.51
N GLY B 192 -19.82 -4.82 -11.25
CA GLY B 192 -19.69 -4.90 -12.68
C GLY B 192 -20.84 -4.10 -13.27
N TYR B 193 -20.85 -3.89 -14.59
CA TYR B 193 -21.98 -3.18 -15.17
C TYR B 193 -22.39 -3.79 -16.47
N LYS B 194 -23.68 -3.68 -16.78
CA LYS B 194 -24.24 -4.19 -18.01
C LYS B 194 -25.15 -3.10 -18.59
N GLU B 195 -24.98 -2.81 -19.89
CA GLU B 195 -25.82 -1.85 -20.62
C GLU B 195 -27.02 -2.56 -21.26
N LEU B 196 -28.20 -2.01 -21.07
CA LEU B 196 -29.47 -2.53 -21.57
C LEU B 196 -30.20 -1.40 -22.28
N GLN B 197 -31.06 -1.72 -23.25
CA GLN B 197 -31.68 -0.67 -24.08
C GLN B 197 -33.17 -0.50 -23.88
N ILE B 198 -33.64 0.77 -23.83
CA ILE B 198 -35.05 1.10 -23.87
C ILE B 198 -35.21 1.78 -25.22
N THR B 199 -36.10 1.23 -26.09
CA THR B 199 -36.30 1.83 -27.41
C THR B 199 -37.12 3.15 -27.30
N PRO B 200 -37.11 4.04 -28.32
CA PRO B 200 -37.99 5.23 -28.28
C PRO B 200 -39.47 4.86 -28.17
N GLU B 201 -39.89 3.74 -28.80
CA GLU B 201 -41.28 3.30 -28.76
C GLU B 201 -41.67 2.91 -27.31
N ALA B 202 -40.82 2.10 -26.66
CA ALA B 202 -41.09 1.65 -25.27
C ALA B 202 -41.05 2.81 -24.28
N SER B 203 -40.05 3.71 -24.38
CA SER B 203 -39.99 4.84 -23.44
C SER B 203 -41.26 5.71 -23.56
N ALA B 204 -41.77 5.92 -24.80
CA ALA B 204 -42.99 6.73 -25.00
C ALA B 204 -44.22 5.99 -24.48
N GLN B 205 -44.33 4.66 -24.75
CA GLN B 205 -45.46 3.85 -24.30
C GLN B 205 -45.58 3.89 -22.78
N PHE B 206 -44.44 3.85 -22.06
CA PHE B 206 -44.46 3.87 -20.59
C PHE B 206 -44.30 5.25 -19.97
N ASN B 207 -44.30 6.32 -20.80
CA ASN B 207 -44.22 7.70 -20.31
C ASN B 207 -42.96 7.94 -19.47
N LEU B 208 -41.82 7.36 -19.90
CA LEU B 208 -40.57 7.57 -19.18
C LEU B 208 -40.09 8.97 -19.54
N GLU B 209 -39.92 9.81 -18.50
CA GLU B 209 -39.54 11.22 -18.66
C GLU B 209 -38.21 11.44 -19.39
N PRO B 210 -38.17 12.08 -20.58
CA PRO B 210 -36.87 12.25 -21.26
C PRO B 210 -35.95 13.28 -20.57
N ASN B 211 -36.53 14.29 -19.88
CA ASN B 211 -35.66 15.36 -19.29
C ASN B 211 -35.25 15.12 -17.83
N ALA B 212 -34.71 13.93 -17.57
CA ALA B 212 -34.26 13.55 -16.24
C ALA B 212 -33.28 12.38 -16.34
N LEU B 213 -32.46 12.21 -15.29
CA LEU B 213 -31.56 11.08 -15.14
C LEU B 213 -32.35 10.15 -14.23
N HIS B 214 -32.61 8.93 -14.70
CA HIS B 214 -33.43 7.99 -13.93
C HIS B 214 -32.60 7.07 -13.05
N ILE B 215 -33.09 6.82 -11.83
CA ILE B 215 -32.44 5.90 -10.90
C ILE B 215 -33.44 4.91 -10.35
N TRP B 216 -33.05 3.64 -10.29
CA TRP B 216 -33.83 2.56 -9.65
C TRP B 216 -32.91 2.08 -8.51
N PRO B 217 -32.95 2.72 -7.32
CA PRO B 217 -32.04 2.28 -6.24
C PRO B 217 -32.43 0.90 -5.71
N HIS B 218 -31.47 0.09 -5.30
CA HIS B 218 -31.75 -1.23 -4.70
C HIS B 218 -30.63 -1.66 -3.72
N GLY B 219 -30.06 -0.67 -3.02
CA GLY B 219 -29.02 -0.90 -2.00
C GLY B 219 -27.71 -1.37 -2.57
N ASP B 220 -27.43 -2.69 -2.52
CA ASP B 220 -26.17 -3.24 -3.04
C ASP B 220 -26.09 -3.27 -4.56
N TYR B 221 -27.22 -2.96 -5.22
CA TYR B 221 -27.26 -2.89 -6.68
C TYR B 221 -28.25 -1.82 -7.09
N MET B 222 -28.18 -1.37 -8.33
CA MET B 222 -29.08 -0.34 -8.84
C MET B 222 -29.01 -0.31 -10.35
N CYS B 223 -30.01 0.38 -10.94
CA CYS B 223 -30.00 0.69 -12.37
C CYS B 223 -30.06 2.19 -12.48
N ILE B 224 -29.49 2.72 -13.56
CA ILE B 224 -29.61 4.15 -13.91
C ILE B 224 -29.97 4.19 -15.39
N ALA B 225 -30.56 5.29 -15.86
CA ALA B 225 -30.85 5.43 -17.29
C ALA B 225 -30.67 6.86 -17.71
N LEU B 226 -29.95 7.06 -18.82
CA LEU B 226 -29.74 8.37 -19.42
C LEU B 226 -30.49 8.42 -20.75
N PRO B 227 -31.17 9.56 -21.02
CA PRO B 227 -31.93 9.70 -22.27
C PRO B 227 -31.07 10.12 -23.44
N ASN B 228 -31.50 9.77 -24.63
CA ASN B 228 -30.86 10.19 -25.89
C ASN B 228 -31.86 11.14 -26.55
N LEU B 229 -31.42 11.99 -27.46
CA LEU B 229 -32.37 12.91 -28.11
C LEU B 229 -33.49 12.20 -28.87
N ASP B 230 -33.22 10.95 -29.35
CA ASP B 230 -34.26 10.18 -30.07
C ASP B 230 -35.21 9.43 -29.12
N ARG B 231 -35.16 9.73 -27.81
CA ARG B 231 -36.06 9.14 -26.80
C ARG B 231 -35.68 7.71 -26.42
N SER B 232 -34.61 7.13 -26.99
CA SER B 232 -34.13 5.85 -26.50
C SER B 232 -33.40 6.16 -25.17
N PHE B 233 -33.19 5.14 -24.33
CA PHE B 233 -32.42 5.35 -23.09
C PHE B 233 -31.44 4.24 -22.99
N THR B 234 -30.26 4.53 -22.46
CA THR B 234 -29.33 3.46 -22.18
C THR B 234 -29.44 3.24 -20.67
N VAL B 235 -29.77 2.01 -20.27
CA VAL B 235 -29.93 1.60 -18.88
C VAL B 235 -28.63 0.91 -18.47
N THR B 236 -28.08 1.28 -17.34
CA THR B 236 -26.90 0.59 -16.84
C THR B 236 -27.27 -0.08 -15.53
N LEU B 237 -27.07 -1.39 -15.46
CA LEU B 237 -27.26 -2.17 -14.26
C LEU B 237 -25.89 -2.26 -13.57
N PHE B 238 -25.81 -1.87 -12.28
CA PHE B 238 -24.59 -1.98 -11.45
C PHE B 238 -24.88 -3.09 -10.44
N LEU B 239 -24.11 -4.15 -10.48
CA LEU B 239 -24.35 -5.36 -9.68
C LEU B 239 -23.01 -6.05 -9.38
N HIS B 240 -22.85 -6.59 -8.16
CA HIS B 240 -21.61 -7.29 -7.82
C HIS B 240 -21.28 -8.39 -8.84
N HIS B 241 -19.99 -8.52 -9.21
CA HIS B 241 -19.56 -9.59 -10.09
C HIS B 241 -19.86 -10.93 -9.39
N GLN B 242 -19.55 -10.98 -8.08
CA GLN B 242 -19.72 -12.18 -7.25
C GLN B 242 -20.43 -11.91 -5.94
N SER B 243 -21.10 -12.94 -5.40
CA SER B 243 -21.81 -12.86 -4.13
C SER B 243 -20.76 -13.04 -3.02
N PRO B 244 -20.71 -12.15 -1.99
CA PRO B 244 -19.70 -12.32 -0.92
C PRO B 244 -19.87 -13.61 -0.13
N ALA B 245 -18.80 -14.03 0.58
CA ALA B 245 -18.79 -15.26 1.39
C ALA B 245 -19.87 -15.26 2.50
N ALA B 246 -20.07 -14.09 3.15
CA ALA B 246 -21.05 -13.88 4.22
C ALA B 246 -22.49 -13.95 3.69
N GLN B 247 -22.73 -13.41 2.48
CA GLN B 247 -24.04 -13.40 1.83
C GLN B 247 -23.99 -14.21 0.50
N PRO B 248 -23.98 -15.57 0.54
CA PRO B 248 -23.90 -16.33 -0.73
C PRO B 248 -25.16 -16.27 -1.61
N ALA B 249 -26.33 -15.98 -1.02
CA ALA B 249 -27.60 -15.89 -1.72
C ALA B 249 -27.80 -14.53 -2.42
N SER B 250 -27.08 -13.47 -1.96
CA SER B 250 -27.17 -12.11 -2.49
C SER B 250 -26.97 -12.03 -4.01
N PRO B 251 -27.79 -11.24 -4.73
CA PRO B 251 -27.66 -11.16 -6.20
C PRO B 251 -26.27 -10.77 -6.66
N SER B 252 -25.85 -11.35 -7.79
CA SER B 252 -24.57 -11.08 -8.43
C SER B 252 -24.63 -11.50 -9.91
N PHE B 253 -23.69 -11.02 -10.75
CA PHE B 253 -23.62 -11.45 -12.15
C PHE B 253 -23.36 -12.95 -12.28
N ALA B 254 -22.61 -13.53 -11.31
CA ALA B 254 -22.31 -14.98 -11.30
C ALA B 254 -23.59 -15.83 -11.23
N GLN B 255 -24.65 -15.30 -10.57
CA GLN B 255 -25.96 -15.95 -10.42
C GLN B 255 -26.88 -15.75 -11.63
N LEU B 256 -26.48 -14.90 -12.59
CA LEU B 256 -27.28 -14.63 -13.78
C LEU B 256 -26.61 -15.29 -14.98
N VAL B 257 -26.82 -16.60 -15.12
CA VAL B 257 -26.17 -17.41 -16.16
C VAL B 257 -26.58 -17.04 -17.60
N ASP B 258 -27.86 -16.69 -17.82
CA ASP B 258 -28.35 -16.33 -19.15
C ASP B 258 -29.39 -15.20 -19.09
N GLY B 259 -29.90 -14.81 -20.26
CA GLY B 259 -30.90 -13.74 -20.41
C GLY B 259 -32.19 -14.01 -19.69
N HIS B 260 -32.59 -15.32 -19.62
CA HIS B 260 -33.81 -15.73 -18.93
C HIS B 260 -33.74 -15.50 -17.43
N ALA B 261 -32.59 -15.80 -16.81
CA ALA B 261 -32.39 -15.56 -15.37
C ALA B 261 -32.38 -14.04 -15.12
N ALA B 262 -31.74 -13.27 -16.01
CA ALA B 262 -31.71 -11.80 -15.95
C ALA B 262 -33.14 -11.24 -16.00
N ARG B 263 -34.01 -11.79 -16.90
CA ARG B 263 -35.41 -11.38 -17.00
C ARG B 263 -36.15 -11.62 -15.67
N ARG B 264 -36.05 -12.84 -15.11
CA ARG B 264 -36.67 -13.21 -13.83
C ARG B 264 -36.22 -12.27 -12.70
N PHE B 265 -34.92 -11.93 -12.67
CA PHE B 265 -34.32 -11.01 -11.72
C PHE B 265 -34.94 -9.62 -11.83
N PHE B 266 -35.07 -9.10 -13.06
CA PHE B 266 -35.68 -7.78 -13.30
C PHE B 266 -37.19 -7.78 -12.97
N GLN B 267 -37.90 -8.87 -13.28
CA GLN B 267 -39.32 -8.96 -12.96
C GLN B 267 -39.59 -8.90 -11.45
N ARG B 268 -38.71 -9.52 -10.66
CA ARG B 268 -38.81 -9.55 -9.20
C ARG B 268 -38.30 -8.26 -8.53
N GLN B 269 -37.13 -7.75 -8.94
CA GLN B 269 -36.50 -6.64 -8.26
C GLN B 269 -36.70 -5.27 -8.91
N PHE B 270 -36.94 -5.22 -10.23
CA PHE B 270 -37.14 -3.95 -10.94
C PHE B 270 -38.47 -4.06 -11.74
N PRO B 271 -39.63 -4.29 -11.06
CA PRO B 271 -40.88 -4.55 -11.80
C PRO B 271 -41.38 -3.44 -12.70
N ASP B 272 -41.09 -2.16 -12.40
CA ASP B 272 -41.56 -1.08 -13.27
C ASP B 272 -40.62 -0.86 -14.47
N LEU B 273 -39.43 -1.48 -14.45
CA LEU B 273 -38.41 -1.33 -15.49
C LEU B 273 -38.43 -2.50 -16.49
N SER B 274 -38.58 -3.73 -15.99
CA SER B 274 -38.60 -4.92 -16.83
C SER B 274 -39.51 -4.80 -18.08
N PRO B 275 -40.77 -4.28 -18.04
CA PRO B 275 -41.57 -4.22 -19.27
C PRO B 275 -41.06 -3.26 -20.35
N MET B 276 -40.18 -2.31 -19.97
CA MET B 276 -39.58 -1.35 -20.90
C MET B 276 -38.34 -1.92 -21.61
N LEU B 277 -37.79 -3.02 -21.08
CA LEU B 277 -36.58 -3.63 -21.62
C LEU B 277 -36.94 -4.78 -22.57
N ASP B 278 -37.34 -4.44 -23.81
CA ASP B 278 -37.78 -5.45 -24.80
C ASP B 278 -36.69 -6.44 -25.20
N SER B 279 -35.43 -5.99 -25.25
CA SER B 279 -34.29 -6.80 -25.66
C SER B 279 -33.40 -7.23 -24.48
N LEU B 280 -33.96 -7.30 -23.27
CA LEU B 280 -33.21 -7.62 -22.04
C LEU B 280 -32.37 -8.90 -22.20
N GLU B 281 -32.99 -9.98 -22.63
CA GLU B 281 -32.32 -11.28 -22.79
C GLU B 281 -31.11 -11.22 -23.71
N GLN B 282 -31.28 -10.64 -24.92
CA GLN B 282 -30.23 -10.48 -25.93
C GLN B 282 -29.16 -9.50 -25.47
N ASP B 283 -29.56 -8.34 -24.88
CA ASP B 283 -28.60 -7.33 -24.40
C ASP B 283 -27.74 -7.95 -23.32
N PHE B 284 -28.36 -8.68 -22.38
CA PHE B 284 -27.64 -9.32 -21.30
C PHE B 284 -26.58 -10.30 -21.80
N GLU B 285 -26.94 -11.10 -22.79
CA GLU B 285 -26.05 -12.13 -23.33
C GLU B 285 -25.00 -11.60 -24.30
N HIS B 286 -25.31 -10.55 -25.07
CA HIS B 286 -24.39 -10.04 -26.08
C HIS B 286 -23.58 -8.84 -25.64
N HIS B 287 -24.03 -8.10 -24.61
CA HIS B 287 -23.23 -6.97 -24.13
C HIS B 287 -22.30 -7.48 -23.04
N PRO B 288 -20.98 -7.22 -23.10
CA PRO B 288 -20.11 -7.75 -22.05
C PRO B 288 -20.24 -7.00 -20.73
N THR B 289 -19.94 -7.68 -19.62
CA THR B 289 -19.97 -7.08 -18.30
C THR B 289 -18.71 -6.24 -18.13
N GLY B 290 -18.90 -4.94 -17.86
CA GLY B 290 -17.79 -4.02 -17.67
C GLY B 290 -17.24 -4.08 -16.26
N LYS B 291 -15.98 -3.65 -16.11
CA LYS B 291 -15.27 -3.64 -14.82
C LYS B 291 -15.05 -2.20 -14.41
N LEU B 292 -15.02 -1.95 -13.09
CA LEU B 292 -14.86 -0.59 -12.56
C LEU B 292 -13.67 -0.57 -11.65
N ALA B 293 -12.94 0.56 -11.62
CA ALA B 293 -11.75 0.68 -10.80
C ALA B 293 -11.31 2.14 -10.59
N THR B 294 -10.49 2.34 -9.55
CA THR B 294 -9.85 3.61 -9.26
C THR B 294 -8.36 3.37 -9.35
N LEU B 295 -7.64 4.22 -10.08
CA LEU B 295 -6.17 4.06 -10.15
C LEU B 295 -5.57 5.40 -9.76
N ARG B 296 -4.73 5.40 -8.74
CA ARG B 296 -4.11 6.62 -8.23
C ARG B 296 -2.63 6.57 -8.46
N LEU B 297 -2.04 7.70 -8.91
CA LEU B 297 -0.61 7.80 -9.18
C LEU B 297 0.00 8.93 -8.36
N THR B 298 1.22 8.73 -7.84
CA THR B 298 1.93 9.80 -7.12
C THR B 298 2.56 10.79 -8.11
N THR B 299 3.00 10.28 -9.25
CA THR B 299 3.69 10.99 -10.33
C THR B 299 2.86 10.96 -11.61
N TRP B 300 2.66 12.13 -12.26
CA TRP B 300 1.97 12.22 -13.56
C TRP B 300 2.88 12.68 -14.70
N HIS B 301 4.14 13.02 -14.41
CA HIS B 301 5.03 13.53 -15.44
C HIS B 301 6.47 13.02 -15.33
N VAL B 302 7.22 13.15 -16.40
CA VAL B 302 8.65 12.81 -16.47
C VAL B 302 9.34 14.11 -16.86
N GLY B 303 9.96 14.79 -15.89
CA GLY B 303 10.62 16.09 -16.10
C GLY B 303 9.78 17.02 -16.93
N GLY B 304 10.36 17.55 -18.02
CA GLY B 304 9.60 18.38 -18.96
C GLY B 304 9.24 17.63 -20.24
N GLN B 305 9.44 16.30 -20.25
CA GLN B 305 9.25 15.48 -21.45
C GLN B 305 7.86 14.98 -21.69
N ALA B 306 7.16 14.55 -20.65
CA ALA B 306 5.83 13.92 -20.81
C ALA B 306 4.94 14.13 -19.63
N VAL B 307 3.63 14.17 -19.87
CA VAL B 307 2.64 14.34 -18.81
C VAL B 307 1.38 13.54 -19.15
N LEU B 308 0.68 13.06 -18.14
CA LEU B 308 -0.60 12.36 -18.29
C LEU B 308 -1.72 13.30 -17.86
N LEU B 309 -2.91 13.08 -18.44
CA LEU B 309 -4.12 13.80 -18.02
C LEU B 309 -5.34 12.97 -18.35
N GLY B 310 -6.49 13.33 -17.76
CA GLY B 310 -7.70 12.58 -17.98
C GLY B 310 -7.61 11.19 -17.39
N ASP B 311 -8.29 10.25 -18.05
CA ASP B 311 -8.32 8.86 -17.62
C ASP B 311 -6.91 8.25 -17.57
N ALA B 312 -5.95 8.77 -18.38
CA ALA B 312 -4.57 8.24 -18.37
C ALA B 312 -3.91 8.48 -16.97
N ALA B 313 -4.26 9.62 -16.32
CA ALA B 313 -3.71 10.03 -15.03
C ALA B 313 -4.52 9.54 -13.83
N HIS B 314 -5.85 9.43 -13.96
CA HIS B 314 -6.69 9.14 -12.79
C HIS B 314 -8.01 8.39 -13.11
N PRO B 315 -7.93 7.11 -13.53
CA PRO B 315 -9.18 6.33 -13.70
C PRO B 315 -10.01 6.41 -12.41
N MET B 316 -11.30 6.66 -12.54
CA MET B 316 -12.17 6.76 -11.36
C MET B 316 -13.43 5.94 -11.54
N VAL B 317 -14.13 5.64 -10.42
CA VAL B 317 -15.39 4.90 -10.47
C VAL B 317 -16.44 5.80 -11.13
N PRO B 318 -17.48 5.25 -11.78
CA PRO B 318 -18.35 6.12 -12.59
C PRO B 318 -19.43 6.90 -11.88
N PHE B 319 -19.61 6.68 -10.57
CA PHE B 319 -20.82 7.09 -9.84
C PHE B 319 -21.10 8.57 -9.70
N HIS B 320 -20.16 9.45 -10.06
CA HIS B 320 -20.48 10.89 -9.98
C HIS B 320 -20.64 11.50 -11.37
N GLY B 321 -20.47 10.66 -12.41
CA GLY B 321 -20.52 11.16 -13.80
C GLY B 321 -19.54 12.30 -14.00
N GLN B 322 -18.31 12.16 -13.47
CA GLN B 322 -17.31 13.25 -13.53
C GLN B 322 -16.03 12.88 -14.30
N GLY B 323 -15.92 11.66 -14.83
CA GLY B 323 -14.73 11.26 -15.58
C GLY B 323 -14.45 12.21 -16.73
N MET B 324 -15.43 12.40 -17.63
CA MET B 324 -15.27 13.34 -18.76
C MET B 324 -15.14 14.80 -18.26
N ASN B 325 -16.02 15.19 -17.30
CA ASN B 325 -15.97 16.56 -16.76
C ASN B 325 -14.59 16.89 -16.17
N CYS B 326 -13.99 15.96 -15.40
CA CYS B 326 -12.66 16.12 -14.82
C CYS B 326 -11.60 16.14 -15.94
N ALA B 327 -11.72 15.25 -16.94
CA ALA B 327 -10.74 15.16 -18.05
C ALA B 327 -10.72 16.49 -18.87
N LEU B 328 -11.91 17.09 -19.10
CA LEU B 328 -12.01 18.36 -19.83
C LEU B 328 -11.42 19.52 -18.99
N GLU B 329 -11.67 19.49 -17.67
CA GLU B 329 -11.14 20.46 -16.71
C GLU B 329 -9.57 20.31 -16.67
N ASP B 330 -9.05 19.06 -16.69
CA ASP B 330 -7.60 18.88 -16.72
C ASP B 330 -7.04 19.52 -17.99
N ALA B 331 -7.72 19.35 -19.15
CA ALA B 331 -7.22 19.89 -20.41
C ALA B 331 -7.04 21.40 -20.36
N VAL B 332 -7.99 22.10 -19.76
CA VAL B 332 -7.91 23.57 -19.61
C VAL B 332 -6.68 23.92 -18.73
N ALA B 333 -6.56 23.26 -17.59
CA ALA B 333 -5.47 23.54 -16.62
C ALA B 333 -4.11 23.24 -17.26
N LEU B 334 -4.00 22.10 -18.00
CA LEU B 334 -2.75 21.77 -18.69
C LEU B 334 -2.36 22.84 -19.75
N ALA B 335 -3.33 23.23 -20.59
CA ALA B 335 -3.10 24.25 -21.61
C ALA B 335 -2.67 25.58 -20.97
N GLU B 336 -3.28 25.94 -19.83
CA GLU B 336 -2.95 27.19 -19.09
C GLU B 336 -1.52 27.15 -18.54
N HIS B 337 -1.12 26.05 -17.91
CA HIS B 337 0.22 25.85 -17.35
C HIS B 337 1.30 25.85 -18.46
N LEU B 338 1.05 25.13 -19.57
CA LEU B 338 1.99 25.10 -20.70
C LEU B 338 2.17 26.45 -21.36
N GLN B 339 1.07 27.16 -21.58
CA GLN B 339 1.14 28.46 -22.25
C GLN B 339 1.99 29.50 -21.51
N SER B 340 1.81 29.59 -20.17
CA SER B 340 2.40 30.63 -19.31
CA SER B 340 2.40 30.63 -19.31
C SER B 340 3.69 30.28 -18.57
N ALA B 341 4.14 29.03 -18.61
CA ALA B 341 5.33 28.68 -17.84
C ALA B 341 6.64 29.15 -18.49
N ALA B 342 7.71 29.23 -17.66
CA ALA B 342 9.06 29.58 -18.10
C ALA B 342 9.59 28.46 -19.01
N ASP B 343 9.26 27.19 -18.68
CA ASP B 343 9.72 26.03 -19.45
C ASP B 343 8.78 24.87 -19.19
N ASN B 344 8.81 23.88 -20.07
CA ASN B 344 7.91 22.72 -19.93
C ASN B 344 8.06 21.98 -18.60
N ALA B 345 9.29 21.81 -18.06
CA ALA B 345 9.50 21.10 -16.77
C ALA B 345 8.76 21.83 -15.64
N SER B 346 8.83 23.17 -15.62
CA SER B 346 8.12 23.95 -14.61
C SER B 346 6.62 23.80 -14.79
N ALA B 347 6.12 23.85 -16.04
CA ALA B 347 4.69 23.72 -16.34
C ALA B 347 4.14 22.37 -15.87
N LEU B 348 4.88 21.28 -16.14
CA LEU B 348 4.38 19.94 -15.80
C LEU B 348 4.35 19.70 -14.30
N ALA B 349 5.40 20.15 -13.56
CA ALA B 349 5.42 20.01 -12.11
C ALA B 349 4.28 20.84 -11.50
N ALA B 350 4.05 22.10 -11.99
CA ALA B 350 2.98 22.96 -11.47
C ALA B 350 1.59 22.35 -11.77
N PHE B 351 1.41 21.80 -12.98
CA PHE B 351 0.13 21.17 -13.36
C PHE B 351 -0.22 20.00 -12.43
N THR B 352 0.76 19.08 -12.24
CA THR B 352 0.64 17.90 -11.40
C THR B 352 0.36 18.32 -9.95
N ALA B 353 1.15 19.27 -9.39
CA ALA B 353 0.94 19.75 -8.01
C ALA B 353 -0.46 20.34 -7.80
N GLN B 354 -1.00 21.06 -8.80
CA GLN B 354 -2.35 21.63 -8.73
C GLN B 354 -3.45 20.58 -8.89
N ARG B 355 -3.36 19.71 -9.88
CA ARG B 355 -4.43 18.77 -10.21
C ARG B 355 -4.48 17.51 -9.37
N GLN B 356 -3.33 16.99 -8.95
CA GLN B 356 -3.31 15.78 -8.13
C GLN B 356 -4.23 15.78 -6.90
N PRO B 357 -4.21 16.75 -5.96
CA PRO B 357 -5.12 16.71 -4.81
C PRO B 357 -6.61 16.76 -5.22
N ASP B 358 -6.94 17.45 -6.33
CA ASP B 358 -8.33 17.55 -6.82
C ASP B 358 -8.79 16.25 -7.48
N ALA B 359 -7.89 15.57 -8.21
CA ALA B 359 -8.22 14.26 -8.79
C ALA B 359 -8.45 13.23 -7.66
N LEU B 360 -7.63 13.26 -6.60
CA LEU B 360 -7.80 12.34 -5.46
C LEU B 360 -9.15 12.59 -4.77
N ALA B 361 -9.56 13.88 -4.66
CA ALA B 361 -10.82 14.27 -4.04
C ALA B 361 -12.02 13.75 -4.87
N ILE B 362 -12.02 13.95 -6.21
CA ILE B 362 -13.17 13.47 -7.03
C ILE B 362 -13.20 11.91 -7.06
N GLN B 363 -12.05 11.25 -7.04
CA GLN B 363 -12.03 9.78 -7.00
C GLN B 363 -12.75 9.29 -5.72
N ALA B 364 -12.51 9.98 -4.59
CA ALA B 364 -13.13 9.66 -3.31
C ALA B 364 -14.62 10.00 -3.31
N MET B 365 -15.00 11.18 -3.82
CA MET B 365 -16.41 11.58 -3.85
C MET B 365 -17.23 10.72 -4.81
N ALA B 366 -16.63 10.28 -5.94
CA ALA B 366 -17.32 9.39 -6.91
C ALA B 366 -17.67 8.05 -6.24
N LEU B 367 -16.74 7.50 -5.43
CA LEU B 367 -16.96 6.25 -4.69
C LEU B 367 -18.13 6.46 -3.73
N GLU B 368 -18.12 7.58 -3.01
CA GLU B 368 -19.18 7.89 -2.03
C GLU B 368 -20.55 8.12 -2.70
N ASN B 369 -20.60 8.66 -3.95
CA ASN B 369 -21.89 8.88 -4.60
C ASN B 369 -22.65 7.56 -4.94
N TYR B 370 -21.98 6.39 -4.88
CA TYR B 370 -22.68 5.12 -5.09
C TYR B 370 -23.81 4.97 -4.04
N VAL B 371 -23.48 5.12 -2.73
CA VAL B 371 -24.43 4.96 -1.64
C VAL B 371 -25.54 6.03 -1.76
N GLU B 372 -25.18 7.26 -2.19
CA GLU B 372 -26.17 8.33 -2.35
C GLU B 372 -27.23 7.92 -3.38
N MET B 373 -26.83 7.44 -4.56
CA MET B 373 -27.78 7.02 -5.59
C MET B 373 -28.48 5.70 -5.28
N SER B 374 -27.76 4.72 -4.68
CA SER B 374 -28.34 3.39 -4.49
C SER B 374 -29.16 3.22 -3.21
N SER B 375 -28.94 4.09 -2.20
CA SER B 375 -29.67 3.96 -0.95
C SER B 375 -30.28 5.26 -0.49
N LYS B 376 -29.46 6.30 -0.30
CA LYS B 376 -29.89 7.58 0.28
C LYS B 376 -31.11 8.21 -0.37
N VAL B 377 -31.22 8.16 -1.72
CA VAL B 377 -32.37 8.73 -2.46
C VAL B 377 -33.75 8.12 -2.05
N ALA B 378 -33.75 6.94 -1.41
CA ALA B 378 -34.97 6.25 -0.95
C ALA B 378 -35.13 6.35 0.58
N SER B 379 -34.22 7.08 1.24
CA SER B 379 -34.21 7.21 2.69
C SER B 379 -34.96 8.47 3.17
N PRO B 380 -35.96 8.36 4.09
CA PRO B 380 -36.62 9.59 4.60
C PRO B 380 -35.66 10.52 5.35
N THR B 381 -34.63 9.97 6.03
CA THR B 381 -33.61 10.77 6.75
C THR B 381 -32.85 11.64 5.75
N TYR B 382 -32.45 11.06 4.58
CA TYR B 382 -31.78 11.79 3.50
C TYR B 382 -32.70 12.89 2.99
N LEU B 383 -34.00 12.58 2.79
CA LEU B 383 -34.92 13.58 2.25
C LEU B 383 -35.14 14.77 3.22
N LEU B 384 -35.12 14.51 4.53
CA LEU B 384 -35.24 15.55 5.57
C LEU B 384 -33.97 16.42 5.55
N GLU B 385 -32.78 15.76 5.52
CA GLU B 385 -31.46 16.42 5.41
C GLU B 385 -31.43 17.29 4.16
N ARG B 386 -31.95 16.78 3.04
CA ARG B 386 -31.99 17.49 1.75
C ARG B 386 -32.87 18.74 1.85
N GLU B 387 -34.05 18.62 2.49
CA GLU B 387 -34.98 19.73 2.71
C GLU B 387 -34.32 20.81 3.60
N LEU B 388 -33.61 20.39 4.67
CA LEU B 388 -32.91 21.30 5.57
C LEU B 388 -31.76 22.00 4.83
N GLY B 389 -31.02 21.25 4.00
CA GLY B 389 -29.96 21.79 3.17
C GLY B 389 -30.47 22.87 2.20
N GLN B 390 -31.65 22.63 1.61
CA GLN B 390 -32.31 23.60 0.72
C GLN B 390 -32.66 24.90 1.46
N ILE B 391 -33.16 24.82 2.73
CA ILE B 391 -33.43 26.00 3.57
C ILE B 391 -32.10 26.75 3.85
N MET B 392 -31.04 26.02 4.26
CA MET B 392 -29.72 26.61 4.53
C MET B 392 -29.13 27.30 3.30
N ALA B 393 -29.29 26.73 2.09
CA ALA B 393 -28.81 27.31 0.82
C ALA B 393 -29.61 28.59 0.50
N GLN B 394 -30.90 28.62 0.83
CA GLN B 394 -31.71 29.82 0.64
C GLN B 394 -31.29 30.94 1.62
N ARG B 395 -30.96 30.58 2.85
CA ARG B 395 -30.61 31.55 3.91
C ARG B 395 -29.18 32.06 3.80
N GLN B 396 -28.25 31.18 3.44
CA GLN B 396 -26.82 31.49 3.35
C GLN B 396 -26.27 30.99 2.00
N PRO B 397 -26.64 31.66 0.88
CA PRO B 397 -26.26 31.15 -0.46
C PRO B 397 -24.78 31.10 -0.79
N THR B 398 -23.96 31.90 -0.13
CA THR B 398 -22.52 31.87 -0.43
C THR B 398 -21.77 30.98 0.59
N ARG B 399 -22.50 30.38 1.57
CA ARG B 399 -21.87 29.54 2.59
C ARG B 399 -22.29 28.08 2.46
N PHE B 400 -23.61 27.83 2.39
CA PHE B 400 -24.13 26.47 2.28
C PHE B 400 -24.47 26.18 0.82
N ILE B 401 -23.55 25.47 0.14
CA ILE B 401 -23.73 25.05 -1.25
C ILE B 401 -23.66 23.52 -1.18
N PRO B 402 -24.76 22.79 -1.42
CA PRO B 402 -24.72 21.30 -1.29
C PRO B 402 -23.57 20.69 -2.07
N ARG B 403 -22.92 19.65 -1.52
CA ARG B 403 -21.76 19.04 -2.19
C ARG B 403 -22.03 18.66 -3.64
N TYR B 404 -23.19 18.05 -3.92
CA TYR B 404 -23.53 17.68 -5.29
C TYR B 404 -23.47 18.91 -6.20
N SER B 405 -23.99 20.10 -5.72
CA SER B 405 -23.94 21.35 -6.49
C SER B 405 -22.50 21.88 -6.67
N MET B 406 -21.66 21.84 -5.61
CA MET B 406 -20.26 22.25 -5.73
C MET B 406 -19.54 21.41 -6.77
N VAL B 407 -19.76 20.09 -6.77
CA VAL B 407 -19.09 19.22 -7.76
C VAL B 407 -19.65 19.45 -9.16
N THR B 408 -20.98 19.44 -9.29
CA THR B 408 -21.66 19.44 -10.60
C THR B 408 -21.87 20.80 -11.23
N PHE B 409 -22.25 21.83 -10.46
CA PHE B 409 -22.59 23.15 -11.01
C PHE B 409 -21.57 24.25 -10.75
N SER B 410 -20.43 23.93 -10.11
CA SER B 410 -19.43 24.95 -9.88
C SER B 410 -18.06 24.46 -10.34
N ARG B 411 -17.07 25.37 -10.35
CA ARG B 411 -15.70 25.01 -10.71
C ARG B 411 -14.77 25.09 -9.49
N LEU B 412 -15.36 25.08 -8.28
CA LEU B 412 -14.59 25.10 -7.04
C LEU B 412 -13.61 23.90 -7.06
N PRO B 413 -12.32 24.04 -6.68
CA PRO B 413 -11.44 22.86 -6.71
C PRO B 413 -12.09 21.67 -5.98
N TYR B 414 -12.04 20.45 -6.59
CA TYR B 414 -12.68 19.28 -5.98
C TYR B 414 -12.31 19.07 -4.51
N ALA B 415 -11.03 19.30 -4.11
CA ALA B 415 -10.62 19.11 -2.72
C ALA B 415 -11.35 20.06 -1.79
N GLN B 416 -11.62 21.29 -2.25
CA GLN B 416 -12.36 22.27 -1.47
C GLN B 416 -13.82 21.87 -1.33
N ALA B 417 -14.44 21.39 -2.43
CA ALA B 417 -15.82 20.88 -2.44
C ALA B 417 -15.93 19.72 -1.44
N MET B 418 -14.92 18.83 -1.41
CA MET B 418 -14.95 17.71 -0.47
C MET B 418 -14.83 18.18 0.98
N ALA B 419 -13.92 19.14 1.26
CA ALA B 419 -13.70 19.61 2.63
C ALA B 419 -14.96 20.33 3.15
N ARG B 420 -15.54 21.22 2.30
CA ARG B 420 -16.76 21.96 2.66
C ARG B 420 -17.94 20.97 2.78
N GLY B 421 -17.93 19.93 1.94
CA GLY B 421 -18.93 18.85 1.93
C GLY B 421 -18.99 18.10 3.24
N GLN B 422 -17.83 17.79 3.81
CA GLN B 422 -17.69 17.07 5.10
C GLN B 422 -18.32 17.89 6.22
N ILE B 423 -17.98 19.19 6.29
CA ILE B 423 -18.56 20.12 7.28
C ILE B 423 -20.09 20.12 7.15
N GLN B 424 -20.61 20.30 5.92
CA GLN B 424 -22.06 20.34 5.66
C GLN B 424 -22.77 19.00 5.98
N GLU B 425 -22.13 17.86 5.65
CA GLU B 425 -22.70 16.53 5.92
C GLU B 425 -22.91 16.38 7.43
N GLN B 426 -21.90 16.79 8.23
CA GLN B 426 -21.95 16.71 9.70
C GLN B 426 -23.04 17.60 10.23
N LEU B 427 -23.03 18.86 9.77
CA LEU B 427 -23.99 19.89 10.19
C LEU B 427 -25.42 19.37 10.03
N LEU B 428 -25.76 18.83 8.86
CA LEU B 428 -27.11 18.34 8.59
C LEU B 428 -27.43 17.09 9.39
N LYS B 429 -26.45 16.19 9.52
CA LYS B 429 -26.62 14.93 10.25
C LYS B 429 -26.98 15.22 11.70
N PHE B 430 -26.19 16.07 12.40
CA PHE B 430 -26.46 16.42 13.79
C PHE B 430 -27.76 17.21 13.95
N ALA B 431 -28.13 18.00 12.95
CA ALA B 431 -29.35 18.79 13.02
C ALA B 431 -30.63 17.96 12.91
N VAL B 432 -30.63 16.89 12.10
CA VAL B 432 -31.84 16.07 11.90
C VAL B 432 -31.92 14.90 12.91
N ALA B 433 -30.77 14.52 13.53
CA ALA B 433 -30.72 13.41 14.49
C ALA B 433 -31.74 13.60 15.61
N ASN B 434 -32.59 12.56 15.81
CA ASN B 434 -33.65 12.54 16.84
C ASN B 434 -34.83 13.45 16.52
N HIS B 435 -35.00 13.84 15.26
CA HIS B 435 -36.14 14.65 14.81
C HIS B 435 -36.85 13.90 13.69
N SER B 436 -38.17 13.78 13.79
CA SER B 436 -39.00 13.07 12.80
C SER B 436 -39.22 13.93 11.56
N ASP B 437 -39.34 15.26 11.74
CA ASP B 437 -39.54 16.20 10.65
C ASP B 437 -38.94 17.57 10.96
N LEU B 438 -39.06 18.49 10.01
CA LEU B 438 -38.55 19.86 10.03
C LEU B 438 -39.10 20.75 11.15
N THR B 439 -40.40 20.60 11.48
CA THR B 439 -41.10 21.45 12.46
C THR B 439 -40.49 21.43 13.87
N SER B 440 -39.80 20.33 14.25
CA SER B 440 -39.15 20.20 15.55
C SER B 440 -37.67 20.67 15.52
N ILE B 441 -37.14 21.03 14.33
CA ILE B 441 -35.75 21.49 14.16
C ILE B 441 -35.71 23.03 14.30
N ASN B 442 -34.77 23.56 15.13
CA ASN B 442 -34.54 24.98 15.34
C ASN B 442 -33.68 25.45 14.15
N LEU B 443 -34.33 26.03 13.11
CA LEU B 443 -33.68 26.45 11.88
C LEU B 443 -32.62 27.53 12.09
N ASP B 444 -32.88 28.49 12.98
CA ASP B 444 -31.92 29.56 13.29
C ASP B 444 -30.63 29.02 13.89
N ALA B 445 -30.71 27.99 14.77
CA ALA B 445 -29.54 27.36 15.37
C ALA B 445 -28.69 26.63 14.30
N VAL B 446 -29.36 25.97 13.33
CA VAL B 446 -28.66 25.29 12.23
C VAL B 446 -27.92 26.37 11.40
N GLU B 447 -28.62 27.47 11.07
CA GLU B 447 -28.05 28.60 10.32
C GLU B 447 -26.83 29.24 11.03
N HIS B 448 -26.86 29.35 12.37
CA HIS B 448 -25.74 29.91 13.14
C HIS B 448 -24.52 29.00 12.99
N GLU B 449 -24.74 27.67 12.96
CA GLU B 449 -23.68 26.70 12.75
C GLU B 449 -23.04 26.87 11.36
N VAL B 450 -23.88 27.18 10.35
CA VAL B 450 -23.46 27.43 8.97
C VAL B 450 -22.52 28.67 8.96
N THR B 451 -22.96 29.79 9.58
CA THR B 451 -22.16 31.03 9.60
C THR B 451 -20.85 30.86 10.37
N ARG B 452 -20.86 30.01 11.41
CA ARG B 452 -19.68 29.73 12.22
C ARG B 452 -18.67 28.82 11.52
N CYS B 453 -19.12 27.80 10.76
CA CYS B 453 -18.23 26.78 10.17
C CYS B 453 -17.93 26.92 8.68
N LEU B 454 -18.71 27.73 7.94
CA LEU B 454 -18.47 27.84 6.50
C LEU B 454 -18.19 29.27 6.06
N PRO B 455 -16.92 29.60 5.71
CA PRO B 455 -16.62 30.98 5.24
C PRO B 455 -17.31 31.24 3.90
N PRO B 456 -17.74 32.49 3.62
CA PRO B 456 -18.44 32.71 2.35
C PRO B 456 -17.51 32.56 1.14
N LEU B 457 -18.06 32.03 0.05
CA LEU B 457 -17.31 31.82 -1.20
C LEU B 457 -17.51 33.00 -2.15
PA FAD C . 22.10 -20.18 17.48
O1A FAD C . 21.67 -19.38 18.64
O2A FAD C . 23.28 -19.55 16.71
O5B FAD C . 22.48 -21.62 17.99
C5B FAD C . 23.13 -22.55 17.11
C4B FAD C . 23.87 -23.50 18.02
O4B FAD C . 24.33 -24.63 17.24
C3B FAD C . 25.09 -22.90 18.70
O3B FAD C . 25.10 -23.19 20.10
C2B FAD C . 26.26 -23.52 17.91
O2B FAD C . 27.44 -23.66 18.69
C1B FAD C . 25.67 -24.90 17.58
N9A FAD C . 26.29 -25.58 16.44
C8A FAD C . 26.66 -25.03 15.24
N7A FAD C . 27.11 -25.92 14.37
C5A FAD C . 27.00 -27.12 15.04
C6A FAD C . 27.26 -28.45 14.65
N6A FAD C . 27.77 -28.78 13.45
N1A FAD C . 27.02 -29.43 15.55
C2A FAD C . 26.57 -29.10 16.76
N3A FAD C . 26.27 -27.88 17.25
C4A FAD C . 26.51 -26.93 16.33
N1 FAD C . 18.60 -11.47 17.17
C2 FAD C . 17.61 -10.75 17.75
O2 FAD C . 16.44 -11.12 17.74
N3 FAD C . 17.94 -9.55 18.41
C4 FAD C . 19.22 -9.04 18.58
O4 FAD C . 19.39 -7.94 19.09
C4X FAD C . 20.27 -9.87 18.02
N5 FAD C . 21.51 -9.55 18.27
C5X FAD C . 22.50 -10.37 17.76
C6 FAD C . 23.84 -10.08 18.07
C7 FAD C . 24.88 -10.84 17.54
C7M FAD C . 26.29 -10.54 17.96
C8 FAD C . 24.59 -11.90 16.65
C8M FAD C . 25.70 -12.69 15.98
C9 FAD C . 23.27 -12.21 16.38
C9A FAD C . 22.22 -11.48 16.94
N10 FAD C . 20.86 -11.81 16.74
C10 FAD C . 19.86 -11.06 17.28
C1' FAD C . 20.52 -13.00 15.93
C2' FAD C . 20.31 -14.19 16.85
O2' FAD C . 21.47 -14.40 17.66
C3' FAD C . 20.08 -15.48 16.05
O3' FAD C . 19.08 -15.28 15.06
C4' FAD C . 19.65 -16.63 16.96
O4' FAD C . 20.69 -16.96 17.90
C5' FAD C . 19.29 -17.86 16.18
O5' FAD C . 19.00 -18.86 17.16
P FAD C . 19.34 -20.36 16.74
O1P FAD C . 19.01 -21.23 17.88
O2P FAD C . 18.63 -20.70 15.45
O3P FAD C . 20.91 -20.38 16.45
N1 8R8 D . 22.83 -8.40 15.45
C4 8R8 D . 18.32 -4.57 17.05
C5 8R8 D . 16.23 -3.84 17.33
C6 8R8 D . 16.11 -2.14 15.51
C7 8R8 D . 16.30 -0.82 16.25
C8 8R8 D . 15.59 0.35 15.62
C10 8R8 D . 18.99 -3.48 15.00
C13 8R8 D . 24.54 -6.99 16.39
C15 8R8 D . 25.13 -8.69 14.82
CL 8R8 D . 21.39 -3.85 13.86
C11 8R8 D . 20.20 -4.13 15.09
C9 8R8 D . 18.05 -3.71 16.00
N 8R8 D . 16.74 -3.27 16.20
O4 8R8 D . 15.06 0.32 14.51
O3 8R8 D . 15.58 1.40 16.39
O2 8R8 D . 15.15 -3.66 17.85
O1 8R8 D . 17.20 -4.65 17.86
C3 8R8 D . 19.52 -5.24 17.12
C2 8R8 D . 20.49 -5.01 16.14
O 8R8 D . 21.78 -5.51 16.17
C1 8R8 D . 22.07 -6.67 16.96
C 8R8 D . 22.46 -6.20 18.35
C12 8R8 D . 23.21 -7.37 16.25
C16 8R8 D . 23.79 -9.03 14.75
C14 8R8 D . 25.51 -7.67 15.66
PA FAD E . -10.80 8.86 -23.67
O1A FAD E . -12.01 9.67 -23.97
O2A FAD E . -11.06 7.39 -23.37
O5B FAD E . -9.83 9.02 -24.93
C5B FAD E . -8.64 8.22 -25.02
C4B FAD E . -8.31 8.17 -26.49
O4B FAD E . -7.01 7.57 -26.65
C3B FAD E . -9.28 7.33 -27.34
O3B FAD E . -9.69 8.05 -28.51
C2B FAD E . -8.49 6.06 -27.62
O2B FAD E . -8.85 5.43 -28.85
C1B FAD E . -7.06 6.62 -27.69
N9A FAD E . -5.99 5.65 -27.47
C8A FAD E . -5.94 4.67 -26.52
N7A FAD E . -4.82 3.99 -26.49
C5A FAD E . -4.07 4.57 -27.51
C6A FAD E . -2.75 4.34 -27.97
N6A FAD E . -1.95 3.38 -27.49
N1A FAD E . -2.28 5.14 -28.96
C2A FAD E . -3.09 6.08 -29.48
N3A FAD E . -4.35 6.38 -29.13
C4A FAD E . -4.78 5.60 -28.12
N1 FAD E . -17.85 10.56 -17.63
C2 FAD E . -18.65 11.62 -17.30
O2 FAD E . -18.17 12.70 -16.92
N3 FAD E . -20.04 11.50 -17.40
C4 FAD E . -20.72 10.38 -17.82
O4 FAD E . -21.94 10.35 -17.85
C4X FAD E . -19.85 9.23 -18.18
N5 FAD E . -20.42 8.15 -18.66
C5X FAD E . -19.59 7.12 -19.09
C6 FAD E . -20.17 5.98 -19.66
C7 FAD E . -19.40 4.88 -20.06
C7M FAD E . -20.09 3.64 -20.58
C8 FAD E . -17.99 4.96 -19.93
C8M FAD E . -17.12 3.80 -20.37
C9 FAD E . -17.42 6.11 -19.41
C9A FAD E . -18.19 7.20 -18.98
N10 FAD E . -17.62 8.38 -18.43
C10 FAD E . -18.42 9.42 -18.04
C1' FAD E . -16.16 8.49 -18.30
C2' FAD E . -15.59 9.25 -19.49
O2' FAD E . -15.98 8.63 -20.71
C3' FAD E . -14.06 9.29 -19.42
O3' FAD E . -13.62 9.68 -18.11
C4' FAD E . -13.43 10.22 -20.46
O4' FAD E . -13.71 9.77 -21.80
C5' FAD E . -11.93 10.33 -20.29
O5' FAD E . -11.51 11.20 -21.35
P FAD E . -10.02 10.95 -21.89
O1P FAD E . -9.77 11.90 -22.99
O2P FAD E . -9.07 11.06 -20.73
O3P FAD E . -10.00 9.45 -22.42
N1 8R8 F . -20.07 5.38 -16.54
C4 8R8 F . -23.60 9.56 -14.42
C5 8R8 F . -24.11 11.61 -13.71
C6 8R8 F . -24.52 11.17 -11.29
C7 8R8 F . -26.04 11.31 -11.18
C8 8R8 F . -26.55 11.54 -9.77
C10 8R8 F . -23.70 8.27 -12.39
C13 8R8 F . -21.65 3.61 -16.91
C15 8R8 F . -19.31 3.13 -16.98
CL 8R8 F . -23.14 5.66 -12.34
C11 8R8 F . -23.32 7.17 -13.14
C9 8R8 F . -23.83 9.47 -13.07
N 8R8 F . -24.13 10.75 -12.65
O4 8R8 F . -27.83 11.77 -9.75
O3 8R8 F . -25.87 11.51 -8.76
O2 8R8 F . -24.36 12.78 -13.76
O1 8R8 F . -23.79 10.86 -14.84
C3 8R8 F . -23.17 8.48 -15.16
C2 8R8 F . -23.02 7.26 -14.51
O 8R8 F . -22.50 6.11 -15.08
C1 8R8 F . -22.39 6.02 -16.50
C 8R8 F . -23.74 5.59 -17.04
C12 8R8 F . -21.33 4.95 -16.66
C16 8R8 F . -19.08 4.48 -16.71
C14 8R8 F . -20.62 2.70 -17.06
#